data_2W6O
#
_entry.id   2W6O
#
_cell.length_a   68.629
_cell.length_b   113.367
_cell.length_c   121.737
_cell.angle_alpha   90.00
_cell.angle_beta   90.00
_cell.angle_gamma   90.00
#
_symmetry.space_group_name_H-M   'P 21 21 21'
#
loop_
_entity.id
_entity.type
_entity.pdbx_description
1 polymer 'BIOTIN CARBOXYLASE'
2 non-polymer 4-amino-7,7-dimethyl-7,8-dihydroquinazolin-5(6H)-one
3 non-polymer 'CHLORIDE ION'
4 water water
#
_entity_poly.entity_id   1
_entity_poly.type   'polypeptide(L)'
_entity_poly.pdbx_seq_one_letter_code
;MLDKIVIANRGEIALRILRACKELGIKTVAVHSSADRDLKHVLLADETVCIGPAPSVKSYLNIPAIISAAEITGAVAIHP
GYGFLSENANFAEQVERSGFIFIGPKAETIRLMGDKVSAIAAMKKAGVPCVPGSDGPLGDDMDKNRAIAKRIGYPVIIKA
SGGGGGRGMRVVRGDAELAQSISMTRAEAKAAFSNDMVYMEKYLENPRHVEIQVLADGQGNAIYLAERDCSMQRRHQKVV
EEAPAPGITPELRRYIGERCAKACVDIGYRGAGTFEFLFENGEFYFIEMNTRIQVEHPVTEMITGVDLIKEQLRIAAGQP
LSIKQEEVHVRGHAVECRINAEDPNTFLPSPGKITRFHAPGGFGVRWESHIYAGYTVPPYYDSMIGKLICYGENRDVAIA
RMKNALQELIIDGIKTNVDLQIRIMNDENFQHGGTNIHYLEKKLGLQEK
;
_entity_poly.pdbx_strand_id   A,C
#
# COMPACT_ATOMS: atom_id res chain seq x y z
N MET A 1 -22.25 -13.19 7.40
CA MET A 1 -21.78 -12.53 6.15
C MET A 1 -22.53 -13.02 4.90
N LEU A 2 -22.70 -12.13 3.94
CA LEU A 2 -23.39 -12.44 2.69
C LEU A 2 -22.72 -13.61 1.97
N ASP A 3 -23.54 -14.59 1.57
CA ASP A 3 -23.05 -15.80 0.92
C ASP A 3 -22.45 -15.54 -0.46
N LYS A 4 -23.19 -14.83 -1.30
CA LYS A 4 -22.86 -14.65 -2.70
C LYS A 4 -23.46 -13.35 -3.23
N ILE A 5 -22.63 -12.48 -3.79
CA ILE A 5 -23.14 -11.23 -4.33
C ILE A 5 -22.90 -11.09 -5.84
N VAL A 6 -23.73 -10.28 -6.49
CA VAL A 6 -23.52 -9.90 -7.89
C VAL A 6 -22.83 -8.53 -7.97
N ILE A 7 -21.80 -8.43 -8.78
CA ILE A 7 -21.14 -7.16 -8.96
C ILE A 7 -21.72 -6.48 -10.19
N ALA A 8 -22.71 -5.62 -9.95
CA ALA A 8 -23.40 -4.91 -11.03
C ALA A 8 -22.55 -3.76 -11.55
N ASN A 9 -21.31 -4.06 -11.89
CA ASN A 9 -20.46 -3.04 -12.50
C ASN A 9 -19.38 -3.65 -13.39
N ARG A 10 -18.42 -2.83 -13.77
CA ARG A 10 -17.30 -3.23 -14.60
C ARG A 10 -16.06 -2.43 -14.20
N GLY A 11 -14.98 -2.62 -14.95
CA GLY A 11 -13.79 -1.79 -14.79
C GLY A 11 -13.09 -1.93 -13.46
N GLU A 12 -12.63 -0.80 -12.95
CA GLU A 12 -11.73 -0.79 -11.79
C GLU A 12 -12.48 -1.07 -10.50
N ILE A 13 -13.69 -0.51 -10.38
CA ILE A 13 -14.52 -0.72 -9.18
C ILE A 13 -15.07 -2.14 -9.02
N ALA A 14 -15.33 -2.81 -10.14
CA ALA A 14 -15.74 -4.21 -10.11
C ALA A 14 -14.67 -5.10 -9.49
N LEU A 15 -13.43 -4.93 -9.97
CA LEU A 15 -12.25 -5.57 -9.38
C LEU A 15 -12.09 -5.18 -7.92
N ARG A 16 -12.20 -3.88 -7.65
CA ARG A 16 -12.15 -3.38 -6.29
C ARG A 16 -13.11 -4.14 -5.34
N ILE A 17 -14.38 -4.29 -5.73
CA ILE A 17 -15.39 -4.98 -4.92
C ILE A 17 -15.11 -6.48 -4.87
N LEU A 18 -14.51 -7.00 -5.93
CA LEU A 18 -14.17 -8.43 -5.98
C LEU A 18 -13.17 -8.84 -4.88
N ARG A 19 -12.14 -8.02 -4.70
CA ARG A 19 -11.12 -8.27 -3.68
C ARG A 19 -11.76 -8.20 -2.32
N ALA A 20 -12.59 -7.17 -2.12
CA ALA A 20 -13.32 -7.01 -0.86
C ALA A 20 -14.13 -8.27 -0.55
N CYS A 21 -14.94 -8.71 -1.51
CA CYS A 21 -15.68 -9.96 -1.35
C CYS A 21 -14.76 -11.13 -1.04
N LYS A 22 -13.72 -11.32 -1.84
CA LYS A 22 -12.76 -12.40 -1.64
C LYS A 22 -12.15 -12.43 -0.23
N GLU A 23 -11.77 -11.27 0.30
CA GLU A 23 -11.16 -11.19 1.63
C GLU A 23 -12.14 -11.61 2.71
N LEU A 24 -13.42 -11.42 2.43
CA LEU A 24 -14.48 -11.73 3.39
C LEU A 24 -15.07 -13.14 3.24
N GLY A 25 -14.58 -13.90 2.26
CA GLY A 25 -15.09 -15.25 2.00
C GLY A 25 -16.39 -15.27 1.23
N ILE A 26 -16.71 -14.17 0.56
CA ILE A 26 -17.99 -14.01 -0.12
C ILE A 26 -17.86 -14.42 -1.57
N LYS A 27 -18.82 -15.22 -2.05
CA LYS A 27 -18.78 -15.68 -3.43
C LYS A 27 -19.16 -14.56 -4.40
N THR A 28 -18.42 -14.49 -5.50
CA THR A 28 -18.59 -13.43 -6.47
C THR A 28 -19.30 -13.92 -7.71
N VAL A 29 -20.16 -13.06 -8.26
CA VAL A 29 -20.78 -13.26 -9.57
C VAL A 29 -20.49 -12.04 -10.45
N ALA A 30 -19.81 -12.25 -11.56
CA ALA A 30 -19.50 -11.17 -12.47
C ALA A 30 -20.49 -11.14 -13.63
N VAL A 31 -21.31 -10.10 -13.67
CA VAL A 31 -22.20 -9.89 -14.78
C VAL A 31 -21.52 -8.90 -15.71
N HIS A 32 -21.45 -9.23 -16.99
CA HIS A 32 -20.67 -8.43 -17.92
C HIS A 32 -21.33 -8.38 -19.27
N SER A 33 -21.01 -7.34 -20.05
CA SER A 33 -21.40 -7.26 -21.44
C SER A 33 -20.56 -8.23 -22.25
N SER A 34 -20.89 -8.36 -23.52
CA SER A 34 -20.20 -9.26 -24.43
C SER A 34 -18.83 -8.70 -24.81
N ALA A 35 -18.64 -7.40 -24.56
CA ALA A 35 -17.35 -6.77 -24.82
C ALA A 35 -16.43 -6.81 -23.61
N ASP A 36 -16.95 -7.29 -22.48
CA ASP A 36 -16.19 -7.25 -21.22
C ASP A 36 -15.83 -8.62 -20.70
N ARG A 37 -15.88 -9.63 -21.56
CA ARG A 37 -15.51 -11.00 -21.21
C ARG A 37 -14.07 -11.10 -20.68
N ASP A 38 -13.21 -10.20 -21.14
CA ASP A 38 -11.79 -10.24 -20.75
C ASP A 38 -11.39 -9.25 -19.63
N LEU A 39 -12.37 -8.72 -18.90
CA LEU A 39 -12.06 -7.96 -17.68
C LEU A 39 -11.37 -8.83 -16.63
N LYS A 40 -10.38 -8.24 -15.97
CA LYS A 40 -9.64 -8.89 -14.89
C LYS A 40 -10.53 -9.56 -13.84
N HIS A 41 -11.50 -8.81 -13.31
CA HIS A 41 -12.37 -9.33 -12.25
C HIS A 41 -13.33 -10.42 -12.76
N VAL A 42 -13.73 -10.32 -14.02
CA VAL A 42 -14.51 -11.37 -14.70
C VAL A 42 -13.70 -12.68 -14.80
N LEU A 43 -12.42 -12.60 -15.13
CA LEU A 43 -11.55 -13.77 -15.15
C LEU A 43 -11.26 -14.32 -13.75
N LEU A 44 -11.37 -13.45 -12.74
CA LEU A 44 -11.18 -13.84 -11.34
C LEU A 44 -12.43 -14.33 -10.62
N ALA A 45 -13.60 -13.87 -11.06
CA ALA A 45 -14.85 -14.20 -10.36
C ALA A 45 -15.10 -15.70 -10.27
N ASP A 46 -15.77 -16.14 -9.21
CA ASP A 46 -16.18 -17.53 -9.06
C ASP A 46 -17.21 -17.93 -10.13
N GLU A 47 -18.03 -16.97 -10.56
CA GLU A 47 -19.07 -17.20 -11.57
C GLU A 47 -19.27 -16.00 -12.50
N THR A 48 -19.51 -16.27 -13.77
CA THR A 48 -19.74 -15.21 -14.74
C THR A 48 -21.08 -15.41 -15.47
N VAL A 49 -21.77 -14.30 -15.75
CA VAL A 49 -22.98 -14.33 -16.58
C VAL A 49 -22.91 -13.18 -17.58
N CYS A 50 -23.18 -13.49 -18.84
CA CYS A 50 -23.32 -12.42 -19.84
C CYS A 50 -24.74 -11.85 -19.76
N ILE A 51 -24.84 -10.54 -19.50
CA ILE A 51 -26.15 -9.91 -19.29
C ILE A 51 -26.62 -9.14 -20.52
N GLY A 52 -25.79 -9.14 -21.56
CA GLY A 52 -26.21 -8.67 -22.87
C GLY A 52 -25.11 -8.14 -23.75
N PRO A 53 -25.49 -7.54 -24.89
CA PRO A 53 -24.57 -6.96 -25.85
C PRO A 53 -23.72 -5.80 -25.33
N ALA A 54 -22.80 -5.34 -26.16
CA ALA A 54 -21.81 -4.34 -25.75
C ALA A 54 -22.38 -3.05 -25.14
N PRO A 55 -23.47 -2.47 -25.73
CA PRO A 55 -23.91 -1.17 -25.21
C PRO A 55 -24.42 -1.23 -23.77
N SER A 56 -24.03 -0.25 -22.96
CA SER A 56 -24.38 -0.20 -21.53
C SER A 56 -25.89 -0.27 -21.35
N VAL A 57 -26.61 0.39 -22.24
CA VAL A 57 -28.08 0.48 -22.16
C VAL A 57 -28.77 -0.89 -22.21
N LYS A 58 -28.19 -1.83 -22.99
CA LYS A 58 -28.70 -3.20 -23.09
C LYS A 58 -27.96 -4.18 -22.17
N SER A 59 -26.91 -3.71 -21.50
CA SER A 59 -26.16 -4.57 -20.58
C SER A 59 -26.16 -4.09 -19.13
N TYR A 60 -25.26 -3.18 -18.79
CA TYR A 60 -25.06 -2.77 -17.39
C TYR A 60 -26.20 -1.91 -16.84
N LEU A 61 -27.06 -1.44 -17.74
CA LEU A 61 -28.24 -0.68 -17.34
C LEU A 61 -29.49 -1.51 -17.53
N ASN A 62 -29.29 -2.80 -17.81
CA ASN A 62 -30.40 -3.74 -18.05
C ASN A 62 -30.80 -4.44 -16.76
N ILE A 63 -31.71 -3.78 -16.05
CA ILE A 63 -32.23 -4.25 -14.75
C ILE A 63 -32.76 -5.69 -14.77
N PRO A 64 -33.74 -6.00 -15.65
CA PRO A 64 -34.27 -7.38 -15.66
C PRO A 64 -33.19 -8.43 -15.84
N ALA A 65 -32.24 -8.19 -16.75
CA ALA A 65 -31.11 -9.12 -16.97
C ALA A 65 -30.24 -9.30 -15.71
N ILE A 66 -29.97 -8.19 -15.00
CA ILE A 66 -29.14 -8.25 -13.79
C ILE A 66 -29.80 -9.09 -12.70
N ILE A 67 -31.11 -8.88 -12.50
CA ILE A 67 -31.90 -9.63 -11.50
C ILE A 67 -32.08 -11.11 -11.88
N SER A 68 -32.32 -11.40 -13.17
CA SER A 68 -32.30 -12.79 -13.66
C SER A 68 -30.96 -13.44 -13.34
N ALA A 69 -29.88 -12.68 -13.56
CA ALA A 69 -28.52 -13.19 -13.30
C ALA A 69 -28.30 -13.44 -11.82
N ALA A 70 -28.77 -12.52 -10.97
CA ALA A 70 -28.72 -12.74 -9.53
C ALA A 70 -29.58 -13.95 -9.14
N GLU A 71 -30.71 -14.13 -9.83
CA GLU A 71 -31.64 -15.24 -9.59
C GLU A 71 -31.06 -16.60 -9.97
N ILE A 72 -30.51 -16.72 -11.18
CA ILE A 72 -29.96 -17.99 -11.66
C ILE A 72 -28.77 -18.48 -10.82
N THR A 73 -27.92 -17.54 -10.40
CA THR A 73 -26.69 -17.88 -9.71
C THR A 73 -26.87 -18.13 -8.22
N GLY A 74 -28.05 -17.82 -7.68
CA GLY A 74 -28.32 -18.01 -6.26
C GLY A 74 -27.68 -16.95 -5.37
N ALA A 75 -27.57 -15.73 -5.91
CA ALA A 75 -26.97 -14.63 -5.18
C ALA A 75 -27.94 -14.05 -4.16
N VAL A 76 -27.40 -13.42 -3.12
CA VAL A 76 -28.23 -12.82 -2.07
C VAL A 76 -28.22 -11.29 -2.09
N ALA A 77 -27.19 -10.70 -2.71
CA ALA A 77 -27.02 -9.25 -2.68
C ALA A 77 -26.41 -8.72 -3.97
N ILE A 78 -26.68 -7.45 -4.26
CA ILE A 78 -26.22 -6.84 -5.49
C ILE A 78 -25.48 -5.52 -5.21
N HIS A 79 -24.19 -5.48 -5.55
CA HIS A 79 -23.40 -4.26 -5.39
C HIS A 79 -23.37 -3.53 -6.71
N PRO A 80 -23.95 -2.32 -6.74
CA PRO A 80 -24.05 -1.57 -7.97
C PRO A 80 -22.84 -0.67 -8.25
N GLY A 81 -21.89 -0.62 -7.32
CA GLY A 81 -20.73 0.29 -7.42
C GLY A 81 -21.09 1.77 -7.53
N TYR A 82 -20.51 2.43 -8.54
CA TYR A 82 -20.84 3.82 -8.86
C TYR A 82 -21.25 3.91 -10.31
N GLY A 83 -21.83 5.05 -10.69
CA GLY A 83 -22.42 5.21 -12.03
C GLY A 83 -23.50 4.16 -12.25
N PHE A 84 -23.74 3.86 -13.52
CA PHE A 84 -24.79 2.94 -13.96
C PHE A 84 -26.09 3.05 -13.15
N LEU A 85 -26.36 2.02 -12.34
CA LEU A 85 -27.60 1.88 -11.64
C LEU A 85 -27.49 2.18 -10.16
N SER A 86 -26.34 2.67 -9.70
CA SER A 86 -26.13 2.88 -8.26
C SER A 86 -27.09 3.89 -7.62
N GLU A 87 -27.48 4.93 -8.39
CA GLU A 87 -28.47 5.93 -7.92
C GLU A 87 -29.82 5.86 -8.67
N ASN A 88 -30.23 4.64 -8.99
CA ASN A 88 -31.54 4.42 -9.61
C ASN A 88 -32.47 3.83 -8.57
N ALA A 89 -33.38 4.66 -8.07
CA ALA A 89 -34.29 4.28 -7.00
C ALA A 89 -35.15 3.08 -7.36
N ASN A 90 -35.60 3.03 -8.62
CA ASN A 90 -36.43 1.92 -9.08
C ASN A 90 -35.66 0.61 -9.20
N PHE A 91 -34.40 0.68 -9.62
CA PHE A 91 -33.50 -0.48 -9.49
C PHE A 91 -33.40 -0.96 -8.04
N ALA A 92 -32.98 -0.07 -7.14
CA ALA A 92 -32.91 -0.41 -5.72
C ALA A 92 -34.22 -1.01 -5.19
N GLU A 93 -35.34 -0.39 -5.57
CA GLU A 93 -36.68 -0.88 -5.19
C GLU A 93 -36.95 -2.29 -5.67
N GLN A 94 -36.57 -2.60 -6.91
CA GLN A 94 -36.88 -3.90 -7.49
C GLN A 94 -35.99 -5.00 -6.92
N VAL A 95 -34.71 -4.68 -6.73
CA VAL A 95 -33.79 -5.59 -6.03
C VAL A 95 -34.40 -6.07 -4.71
N GLU A 96 -34.81 -5.13 -3.84
CA GLU A 96 -35.34 -5.45 -2.51
C GLU A 96 -36.63 -6.26 -2.62
N ARG A 97 -37.46 -5.84 -3.58
CA ARG A 97 -38.75 -6.46 -3.85
C ARG A 97 -38.55 -7.91 -4.32
N SER A 98 -37.53 -8.12 -5.15
CA SER A 98 -37.11 -9.45 -5.55
C SER A 98 -36.47 -10.25 -4.40
N GLY A 99 -36.22 -9.60 -3.28
CA GLY A 99 -35.72 -10.25 -2.07
C GLY A 99 -34.21 -10.21 -1.88
N PHE A 100 -33.51 -9.48 -2.73
CA PHE A 100 -32.07 -9.37 -2.56
C PHE A 100 -31.74 -8.26 -1.54
N ILE A 101 -30.53 -8.31 -0.99
CA ILE A 101 -29.99 -7.14 -0.31
C ILE A 101 -29.39 -6.20 -1.36
N PHE A 102 -29.81 -4.95 -1.34
CA PHE A 102 -29.20 -3.93 -2.17
C PHE A 102 -28.09 -3.28 -1.36
N ILE A 103 -26.88 -3.33 -1.89
CA ILE A 103 -25.72 -2.81 -1.17
C ILE A 103 -25.63 -1.29 -1.35
N GLY A 104 -26.40 -0.60 -0.51
CA GLY A 104 -26.59 0.84 -0.66
C GLY A 104 -27.82 1.27 0.08
N PRO A 105 -28.26 2.51 -0.15
CA PRO A 105 -29.37 3.08 0.63
C PRO A 105 -30.74 2.51 0.25
N LYS A 106 -31.76 2.77 1.07
CA LYS A 106 -33.12 2.31 0.76
C LYS A 106 -33.60 3.14 -0.42
N ALA A 107 -34.54 2.58 -1.20
CA ALA A 107 -35.03 3.24 -2.40
C ALA A 107 -35.53 4.69 -2.20
N GLU A 108 -36.29 4.93 -1.11
CA GLU A 108 -36.81 6.25 -0.77
C GLU A 108 -35.70 7.30 -0.65
N THR A 109 -34.62 6.91 0.04
CA THR A 109 -33.46 7.77 0.30
C THR A 109 -32.77 8.20 -0.98
N ILE A 110 -32.63 7.25 -1.90
CA ILE A 110 -32.04 7.53 -3.18
C ILE A 110 -32.93 8.52 -3.91
N ARG A 111 -34.24 8.34 -3.76
CA ARG A 111 -35.21 9.17 -4.48
C ARG A 111 -35.18 10.59 -3.91
N LEU A 112 -35.12 10.67 -2.59
CA LEU A 112 -35.05 11.92 -1.85
C LEU A 112 -33.83 12.73 -2.27
N MET A 113 -32.65 12.12 -2.19
CA MET A 113 -31.36 12.78 -2.53
C MET A 113 -30.99 12.79 -4.01
N GLY A 114 -31.82 12.18 -4.85
CA GLY A 114 -31.61 12.18 -6.30
C GLY A 114 -32.40 13.29 -6.96
N ASP A 115 -33.25 13.94 -6.17
CA ASP A 115 -33.92 15.18 -6.57
C ASP A 115 -33.31 16.33 -5.80
N LYS A 116 -32.59 17.17 -6.51
CA LYS A 116 -31.78 18.18 -5.87
C LYS A 116 -32.60 19.14 -5.00
N VAL A 117 -33.81 19.49 -5.44
CA VAL A 117 -34.72 20.33 -4.65
C VAL A 117 -35.14 19.66 -3.32
N SER A 118 -35.53 18.38 -3.38
CA SER A 118 -35.89 17.63 -2.18
C SER A 118 -34.67 17.31 -1.33
N ALA A 119 -33.51 17.21 -1.98
CA ALA A 119 -32.26 16.91 -1.28
C ALA A 119 -31.83 18.08 -0.44
N ILE A 120 -31.83 19.26 -1.05
CA ILE A 120 -31.46 20.51 -0.39
C ILE A 120 -32.39 20.85 0.78
N ALA A 121 -33.67 20.49 0.65
CA ALA A 121 -34.66 20.76 1.70
C ALA A 121 -34.44 19.84 2.90
N ALA A 122 -34.10 18.58 2.65
CA ALA A 122 -33.79 17.63 3.72
C ALA A 122 -32.50 18.03 4.41
N MET A 123 -31.58 18.59 3.62
CA MET A 123 -30.32 19.08 4.17
C MET A 123 -30.53 20.33 5.01
N LYS A 124 -31.42 21.22 4.54
CA LYS A 124 -31.78 22.43 5.28
C LYS A 124 -32.49 22.08 6.60
N LYS A 125 -33.36 21.08 6.56
CA LYS A 125 -34.11 20.67 7.74
C LYS A 125 -33.20 20.01 8.77
N ALA A 126 -32.20 19.27 8.31
CA ALA A 126 -31.28 18.58 9.21
C ALA A 126 -30.20 19.52 9.74
N GLY A 127 -30.08 20.70 9.14
CA GLY A 127 -29.15 21.72 9.62
C GLY A 127 -27.83 21.71 8.88
N VAL A 128 -27.88 21.29 7.61
CA VAL A 128 -26.71 21.26 6.76
C VAL A 128 -26.59 22.58 6.01
N PRO A 129 -25.44 23.26 6.14
CA PRO A 129 -25.26 24.50 5.40
C PRO A 129 -25.45 24.26 3.90
N CYS A 130 -26.28 25.09 3.26
CA CYS A 130 -26.49 25.06 1.81
C CYS A 130 -26.22 26.43 1.17
N VAL A 131 -26.19 26.46 -0.16
CA VAL A 131 -26.10 27.70 -0.93
C VAL A 131 -27.42 28.45 -0.76
N PRO A 132 -27.37 29.76 -0.46
CA PRO A 132 -28.60 30.54 -0.54
C PRO A 132 -29.27 30.28 -1.87
N GLY A 133 -30.58 30.03 -1.87
CA GLY A 133 -31.29 29.74 -3.09
C GLY A 133 -32.77 29.94 -2.99
N SER A 134 -33.49 29.52 -4.02
CA SER A 134 -34.93 29.74 -4.16
C SER A 134 -35.79 28.93 -3.19
N ASP A 135 -35.19 27.92 -2.55
CA ASP A 135 -35.89 27.07 -1.58
C ASP A 135 -37.16 26.48 -2.16
N GLY A 136 -37.05 26.00 -3.39
CA GLY A 136 -38.16 25.41 -4.13
C GLY A 136 -37.93 25.56 -5.62
N PRO A 137 -38.86 25.02 -6.43
CA PRO A 137 -38.82 25.16 -7.89
C PRO A 137 -39.09 26.61 -8.29
N LEU A 138 -38.70 26.98 -9.51
CA LEU A 138 -39.01 28.31 -10.02
C LEU A 138 -40.34 28.28 -10.77
N GLY A 139 -41.13 29.34 -10.60
CA GLY A 139 -42.40 29.47 -11.29
C GLY A 139 -42.24 30.13 -12.65
N ASP A 140 -43.36 30.28 -13.35
CA ASP A 140 -43.40 30.95 -14.65
C ASP A 140 -43.59 32.46 -14.52
N ASP A 141 -43.74 32.94 -13.28
CA ASP A 141 -43.83 34.36 -12.98
C ASP A 141 -42.43 34.99 -12.92
N MET A 142 -42.12 35.83 -13.91
CA MET A 142 -40.78 36.43 -14.04
C MET A 142 -40.54 37.68 -13.17
N ASP A 143 -41.59 38.23 -12.57
CA ASP A 143 -41.41 39.27 -11.55
C ASP A 143 -40.85 38.61 -10.28
N LYS A 144 -41.42 37.48 -9.89
CA LYS A 144 -40.96 36.68 -8.75
C LYS A 144 -39.50 36.28 -8.90
N ASN A 145 -39.17 35.71 -10.06
CA ASN A 145 -37.86 35.15 -10.33
C ASN A 145 -36.76 36.20 -10.40
N ARG A 146 -37.09 37.39 -10.89
CA ARG A 146 -36.16 38.52 -10.86
C ARG A 146 -35.93 39.01 -9.43
N ALA A 147 -36.97 38.91 -8.61
CA ALA A 147 -36.90 39.31 -7.20
C ALA A 147 -36.20 38.26 -6.35
N ILE A 148 -36.35 36.98 -6.71
CA ILE A 148 -35.60 35.92 -6.03
C ILE A 148 -34.11 36.13 -6.28
N ALA A 149 -33.77 36.43 -7.54
CA ALA A 149 -32.40 36.78 -7.93
C ALA A 149 -31.85 37.98 -7.16
N LYS A 150 -32.67 39.00 -6.99
CA LYS A 150 -32.35 40.17 -6.18
C LYS A 150 -32.16 39.77 -4.71
N ARG A 151 -33.05 38.94 -4.20
CA ARG A 151 -33.04 38.51 -2.81
C ARG A 151 -31.74 37.78 -2.41
N ILE A 152 -31.16 37.04 -3.35
CA ILE A 152 -29.92 36.28 -3.14
C ILE A 152 -28.68 37.09 -3.56
N GLY A 153 -28.77 37.72 -4.73
CA GLY A 153 -27.69 38.56 -5.24
C GLY A 153 -26.96 37.91 -6.39
N TYR A 154 -27.04 38.55 -7.56
CA TYR A 154 -26.24 38.16 -8.73
C TYR A 154 -24.74 38.21 -8.43
N PRO A 155 -23.96 37.31 -9.05
CA PRO A 155 -24.43 36.29 -9.99
C PRO A 155 -25.26 35.23 -9.29
N VAL A 156 -26.23 34.67 -10.00
CA VAL A 156 -26.97 33.50 -9.52
C VAL A 156 -26.83 32.43 -10.59
N ILE A 157 -27.16 31.19 -10.24
CA ILE A 157 -27.01 30.09 -11.19
C ILE A 157 -28.25 29.23 -11.27
N ILE A 158 -28.88 29.20 -12.44
CA ILE A 158 -30.03 28.34 -12.64
C ILE A 158 -29.51 26.91 -12.80
N LYS A 159 -30.08 26.00 -12.02
CA LYS A 159 -29.69 24.61 -12.03
C LYS A 159 -30.91 23.73 -12.30
N ALA A 160 -30.69 22.51 -12.77
CA ALA A 160 -31.78 21.57 -12.98
C ALA A 160 -31.97 20.74 -11.72
N SER A 161 -33.24 20.44 -11.40
CA SER A 161 -33.59 19.65 -10.23
C SER A 161 -33.34 18.18 -10.47
N GLY A 162 -33.38 17.77 -11.73
CA GLY A 162 -33.06 16.40 -12.11
C GLY A 162 -31.58 16.22 -12.38
N GLY A 163 -30.95 17.25 -12.93
CA GLY A 163 -29.55 17.19 -13.34
C GLY A 163 -28.54 17.24 -12.21
N GLY A 164 -27.37 17.82 -12.49
CA GLY A 164 -26.28 17.93 -11.53
C GLY A 164 -24.93 17.92 -12.22
N GLY A 165 -23.89 18.29 -11.45
CA GLY A 165 -22.50 18.26 -11.93
C GLY A 165 -22.29 18.90 -13.29
N GLY A 166 -22.78 20.13 -13.44
CA GLY A 166 -22.67 20.88 -14.69
C GLY A 166 -23.72 20.53 -15.73
N ARG A 167 -24.50 19.48 -15.47
CA ARG A 167 -25.53 19.01 -16.41
C ARG A 167 -26.81 19.83 -16.31
N GLY A 168 -27.08 20.59 -17.38
CA GLY A 168 -28.26 21.45 -17.45
C GLY A 168 -28.28 22.53 -16.39
N MET A 169 -27.31 23.44 -16.47
CA MET A 169 -27.22 24.58 -15.53
C MET A 169 -26.33 25.70 -16.07
N ARG A 170 -26.79 26.94 -15.96
CA ARG A 170 -26.01 28.11 -16.42
C ARG A 170 -26.06 29.35 -15.51
N VAL A 171 -24.99 30.14 -15.61
CA VAL A 171 -24.77 31.32 -14.79
C VAL A 171 -25.48 32.54 -15.36
N VAL A 172 -26.08 33.34 -14.48
CA VAL A 172 -26.80 34.56 -14.86
C VAL A 172 -26.23 35.74 -14.08
N ARG A 173 -25.81 36.78 -14.79
CA ARG A 173 -25.14 37.91 -14.13
C ARG A 173 -25.97 39.19 -14.01
N GLY A 174 -27.04 39.29 -14.81
CA GLY A 174 -27.95 40.44 -14.77
C GLY A 174 -29.40 40.01 -14.97
N ASP A 175 -30.31 40.99 -15.01
CA ASP A 175 -31.75 40.70 -15.19
C ASP A 175 -32.11 40.27 -16.62
N ALA A 176 -31.43 40.85 -17.61
CA ALA A 176 -31.75 40.65 -19.03
C ALA A 176 -31.58 39.20 -19.50
N GLU A 177 -30.58 38.52 -18.94
CA GLU A 177 -30.25 37.15 -19.35
C GLU A 177 -31.01 36.10 -18.53
N LEU A 178 -31.69 36.55 -17.47
CA LEU A 178 -32.43 35.64 -16.57
C LEU A 178 -33.67 35.05 -17.24
N ALA A 179 -34.35 35.87 -18.03
CA ALA A 179 -35.54 35.46 -18.76
C ALA A 179 -35.23 34.29 -19.68
N GLN A 180 -34.21 34.47 -20.53
CA GLN A 180 -33.83 33.47 -21.51
C GLN A 180 -33.23 32.21 -20.87
N SER A 181 -32.36 32.41 -19.88
CA SER A 181 -31.64 31.32 -19.23
C SER A 181 -32.53 30.32 -18.47
N ILE A 182 -33.57 30.82 -17.80
CA ILE A 182 -34.50 29.96 -17.07
C ILE A 182 -35.23 29.00 -18.01
N SER A 183 -35.76 29.53 -19.12
CA SER A 183 -36.52 28.72 -20.06
C SER A 183 -35.63 27.78 -20.88
N MET A 184 -34.36 28.14 -21.01
CA MET A 184 -33.40 27.30 -21.70
C MET A 184 -32.95 26.13 -20.83
N THR A 185 -32.70 26.39 -19.55
CA THR A 185 -32.33 25.36 -18.58
C THR A 185 -33.54 24.44 -18.32
N ARG A 186 -34.73 24.98 -18.47
CA ARG A 186 -35.98 24.22 -18.29
C ARG A 186 -36.13 23.18 -19.39
N ALA A 187 -35.82 23.58 -20.62
CA ALA A 187 -35.95 22.71 -21.79
C ALA A 187 -34.82 21.66 -21.87
N GLU A 188 -33.59 22.10 -21.58
CA GLU A 188 -32.43 21.20 -21.56
C GLU A 188 -32.63 20.03 -20.62
N ALA A 189 -33.26 20.30 -19.47
CA ALA A 189 -33.56 19.28 -18.47
C ALA A 189 -34.75 18.41 -18.89
N LYS A 190 -35.69 19.04 -19.60
CA LYS A 190 -36.83 18.33 -20.17
C LYS A 190 -36.35 17.35 -21.24
N ALA A 191 -35.18 17.64 -21.79
CA ALA A 191 -34.57 16.81 -22.84
C ALA A 191 -34.07 15.45 -22.34
N ALA A 192 -33.06 15.46 -21.47
CA ALA A 192 -32.40 14.22 -21.03
C ALA A 192 -32.98 13.57 -19.77
N PHE A 193 -33.72 14.34 -18.97
CA PHE A 193 -34.21 13.83 -17.68
C PHE A 193 -35.73 13.65 -17.60
N SER A 194 -36.46 14.27 -18.52
CA SER A 194 -37.92 14.32 -18.48
C SER A 194 -38.41 14.93 -17.16
N ASN A 195 -37.76 16.04 -16.79
CA ASN A 195 -38.13 16.83 -15.62
C ASN A 195 -37.74 18.28 -15.88
N ASP A 196 -38.73 19.17 -15.82
CA ASP A 196 -38.53 20.56 -16.19
C ASP A 196 -38.28 21.48 -15.00
N MET A 197 -38.30 20.91 -13.79
CA MET A 197 -38.06 21.66 -12.55
C MET A 197 -36.65 22.26 -12.48
N VAL A 198 -36.59 23.56 -12.17
CA VAL A 198 -35.32 24.27 -11.96
C VAL A 198 -35.37 25.13 -10.71
N TYR A 199 -34.19 25.46 -10.19
CA TYR A 199 -34.08 26.32 -9.03
C TYR A 199 -33.01 27.38 -9.21
N MET A 200 -32.84 28.23 -8.20
CA MET A 200 -31.86 29.30 -8.25
C MET A 200 -30.95 29.24 -7.03
N GLU A 201 -29.66 29.44 -7.26
CA GLU A 201 -28.68 29.46 -6.19
C GLU A 201 -27.71 30.59 -6.40
N LYS A 202 -27.11 31.09 -5.31
CA LYS A 202 -25.98 32.00 -5.43
C LYS A 202 -24.86 31.31 -6.19
N TYR A 203 -24.29 31.99 -7.18
CA TYR A 203 -23.13 31.48 -7.88
C TYR A 203 -21.88 31.88 -7.12
N LEU A 204 -21.15 30.88 -6.63
CA LEU A 204 -19.89 31.14 -5.96
C LEU A 204 -18.78 31.29 -7.01
N GLU A 205 -18.03 32.39 -6.91
CA GLU A 205 -17.04 32.75 -7.93
C GLU A 205 -15.85 31.80 -7.97
N ASN A 206 -15.31 31.49 -6.79
CA ASN A 206 -14.04 30.76 -6.69
C ASN A 206 -14.02 29.74 -5.55
N PRO A 207 -14.93 28.74 -5.58
CA PRO A 207 -14.93 27.75 -4.50
C PRO A 207 -13.94 26.60 -4.69
N ARG A 208 -13.56 26.00 -3.57
CA ARG A 208 -12.90 24.70 -3.57
C ARG A 208 -13.99 23.63 -3.49
N HIS A 209 -13.64 22.39 -3.83
CA HIS A 209 -14.58 21.26 -3.77
C HIS A 209 -14.16 20.31 -2.66
N VAL A 210 -14.83 20.43 -1.52
CA VAL A 210 -14.56 19.59 -0.37
C VAL A 210 -15.83 18.80 -0.07
N GLU A 211 -15.68 17.49 0.09
CA GLU A 211 -16.78 16.56 0.31
C GLU A 211 -16.47 15.66 1.51
N ILE A 212 -17.51 15.20 2.18
CA ILE A 212 -17.33 14.46 3.41
C ILE A 212 -17.74 13.02 3.21
N GLN A 213 -16.91 12.08 3.65
CA GLN A 213 -17.25 10.67 3.58
C GLN A 213 -18.04 10.23 4.80
N VAL A 214 -19.17 9.57 4.58
CA VAL A 214 -19.93 8.96 5.68
C VAL A 214 -20.15 7.47 5.48
N LEU A 215 -20.29 6.79 6.61
CA LEU A 215 -20.83 5.44 6.69
C LEU A 215 -21.97 5.46 7.70
N ALA A 216 -22.98 4.64 7.42
CA ALA A 216 -24.12 4.50 8.32
C ALA A 216 -24.76 3.12 8.16
N ASP A 217 -25.15 2.50 9.27
CA ASP A 217 -25.95 1.28 9.22
C ASP A 217 -27.40 1.67 8.99
N GLY A 218 -28.29 0.69 8.89
CA GLY A 218 -29.70 1.05 8.79
C GLY A 218 -30.35 1.45 10.10
N GLN A 219 -29.52 1.67 11.14
CA GLN A 219 -29.94 1.50 12.54
C GLN A 219 -29.63 2.63 13.54
N GLY A 220 -29.54 3.86 13.07
CA GLY A 220 -29.32 4.99 13.97
C GLY A 220 -27.87 5.31 14.32
N ASN A 221 -26.94 4.56 13.75
CA ASN A 221 -25.53 4.91 13.87
C ASN A 221 -25.01 5.43 12.55
N ALA A 222 -24.14 6.43 12.64
CA ALA A 222 -23.54 7.03 11.47
C ALA A 222 -22.23 7.62 11.93
N ILE A 223 -21.23 7.56 11.06
CA ILE A 223 -19.96 8.20 11.33
C ILE A 223 -19.50 8.98 10.12
N TYR A 224 -18.51 9.84 10.31
CA TYR A 224 -17.87 10.51 9.19
C TYR A 224 -16.40 10.13 9.18
N LEU A 225 -15.82 10.02 7.99
CA LEU A 225 -14.41 9.66 7.84
C LEU A 225 -13.71 10.79 7.12
N ALA A 226 -13.66 11.93 7.80
CA ALA A 226 -13.06 13.16 7.29
C ALA A 226 -13.55 13.58 5.90
N GLU A 227 -12.73 14.35 5.19
CA GLU A 227 -13.12 14.99 3.94
C GLU A 227 -12.13 14.68 2.83
N ARG A 228 -12.49 15.06 1.61
CA ARG A 228 -11.56 15.01 0.47
C ARG A 228 -11.66 16.32 -0.31
N ASP A 229 -10.55 16.77 -0.91
CA ASP A 229 -10.59 17.92 -1.80
C ASP A 229 -10.48 17.38 -3.22
N CYS A 230 -11.37 17.88 -4.10
CA CYS A 230 -11.46 17.42 -5.48
C CYS A 230 -11.69 18.60 -6.44
N SER A 231 -10.96 19.68 -6.21
CA SER A 231 -11.14 20.90 -6.97
C SER A 231 -10.49 20.81 -8.35
N MET A 232 -9.37 20.10 -8.42
CA MET A 232 -8.62 19.93 -9.66
C MET A 232 -9.45 19.10 -10.62
N GLN A 233 -10.06 19.75 -11.62
CA GLN A 233 -11.06 19.11 -12.46
C GLN A 233 -11.26 19.81 -13.82
N ARG A 234 -11.80 19.06 -14.77
CA ARG A 234 -11.91 19.51 -16.16
C ARG A 234 -13.30 19.26 -16.68
N ARG A 235 -13.91 20.32 -17.22
CA ARG A 235 -15.33 20.32 -17.58
C ARG A 235 -16.16 19.54 -16.56
N HIS A 236 -16.01 19.96 -15.31
CA HIS A 236 -16.70 19.38 -14.15
C HIS A 236 -16.43 17.90 -13.87
N GLN A 237 -15.31 17.41 -14.41
CA GLN A 237 -14.87 16.04 -14.15
C GLN A 237 -13.60 16.04 -13.29
N LYS A 238 -13.67 15.36 -12.14
CA LYS A 238 -12.53 15.23 -11.23
C LYS A 238 -11.37 14.56 -11.94
N VAL A 239 -10.18 15.11 -11.75
CA VAL A 239 -8.99 14.61 -12.41
C VAL A 239 -7.99 14.19 -11.34
N VAL A 240 -8.05 14.87 -10.19
CA VAL A 240 -7.19 14.55 -9.05
C VAL A 240 -7.98 14.78 -7.77
N GLU A 241 -7.78 13.91 -6.80
CA GLU A 241 -8.43 14.05 -5.50
C GLU A 241 -7.40 13.77 -4.40
N GLU A 242 -7.66 14.27 -3.20
CA GLU A 242 -6.76 14.10 -2.06
C GLU A 242 -7.49 14.18 -0.74
N ALA A 243 -6.92 13.50 0.27
CA ALA A 243 -7.44 13.53 1.64
C ALA A 243 -6.28 13.67 2.60
N PRO A 244 -6.47 14.48 3.66
CA PRO A 244 -7.62 15.34 3.87
C PRO A 244 -7.43 16.61 3.06
N ALA A 245 -8.38 17.53 3.10
CA ALA A 245 -8.28 18.75 2.34
C ALA A 245 -7.31 19.75 3.00
N PRO A 246 -6.32 20.25 2.24
CA PRO A 246 -5.35 21.22 2.78
C PRO A 246 -6.01 22.46 3.32
N GLY A 247 -5.65 22.86 4.54
CA GLY A 247 -6.19 24.10 5.12
C GLY A 247 -7.33 23.84 6.09
N ILE A 248 -8.03 22.72 5.91
CA ILE A 248 -9.12 22.35 6.81
C ILE A 248 -8.55 21.93 8.15
N THR A 249 -9.02 22.61 9.20
CA THR A 249 -8.50 22.47 10.55
C THR A 249 -9.23 21.32 11.25
N PRO A 250 -8.68 20.82 12.36
CA PRO A 250 -9.48 19.80 13.08
C PRO A 250 -10.82 20.33 13.59
N GLU A 251 -10.91 21.62 13.90
CA GLU A 251 -12.17 22.23 14.35
C GLU A 251 -13.24 22.18 13.25
N LEU A 252 -12.88 22.65 12.06
CA LEU A 252 -13.80 22.64 10.91
C LEU A 252 -14.24 21.25 10.50
N ARG A 253 -13.29 20.31 10.50
CA ARG A 253 -13.55 18.91 10.18
C ARG A 253 -14.63 18.35 11.10
N ARG A 254 -14.42 18.53 12.41
CA ARG A 254 -15.38 18.09 13.42
C ARG A 254 -16.74 18.76 13.18
N TYR A 255 -16.73 20.07 12.92
CA TYR A 255 -17.96 20.80 12.64
C TYR A 255 -18.81 20.21 11.52
N ILE A 256 -18.24 20.12 10.33
CA ILE A 256 -18.98 19.67 9.15
C ILE A 256 -19.26 18.17 9.20
N GLY A 257 -18.32 17.41 9.76
CA GLY A 257 -18.45 15.98 9.90
C GLY A 257 -19.63 15.64 10.79
N GLU A 258 -19.73 16.35 11.91
CA GLU A 258 -20.83 16.11 12.86
C GLU A 258 -22.18 16.41 12.24
N ARG A 259 -22.24 17.44 11.41
CA ARG A 259 -23.47 17.78 10.68
C ARG A 259 -23.88 16.71 9.66
N CYS A 260 -22.91 16.27 8.85
CA CYS A 260 -23.12 15.17 7.92
C CYS A 260 -23.55 13.86 8.62
N ALA A 261 -22.89 13.53 9.73
CA ALA A 261 -23.26 12.35 10.50
C ALA A 261 -24.71 12.46 10.96
N LYS A 262 -25.05 13.64 11.48
CA LYS A 262 -26.40 13.94 11.99
C LYS A 262 -27.42 13.81 10.87
N ALA A 263 -27.10 14.39 9.71
CA ALA A 263 -27.94 14.28 8.53
C ALA A 263 -28.24 12.83 8.13
N CYS A 264 -27.27 11.94 8.30
CA CYS A 264 -27.48 10.50 8.02
C CYS A 264 -28.55 9.90 8.95
N VAL A 265 -28.59 10.40 10.18
CA VAL A 265 -29.52 9.93 11.20
C VAL A 265 -30.92 10.48 10.91
N ASP A 266 -30.99 11.70 10.40
CA ASP A 266 -32.28 12.37 10.14
C ASP A 266 -33.00 11.84 8.90
N ILE A 267 -32.24 11.40 7.90
CA ILE A 267 -32.80 10.87 6.64
C ILE A 267 -32.84 9.34 6.59
N GLY A 268 -32.31 8.69 7.64
CA GLY A 268 -32.27 7.24 7.71
C GLY A 268 -31.32 6.60 6.70
N TYR A 269 -30.19 7.26 6.45
CA TYR A 269 -29.19 6.81 5.49
C TYR A 269 -28.52 5.48 5.82
N ARG A 270 -28.29 4.65 4.79
CA ARG A 270 -27.68 3.32 4.94
C ARG A 270 -26.57 3.03 3.92
N GLY A 271 -25.44 2.55 4.43
CA GLY A 271 -24.24 2.28 3.63
C GLY A 271 -23.36 3.50 3.53
N ALA A 272 -22.47 3.49 2.54
CA ALA A 272 -21.55 4.59 2.30
C ALA A 272 -22.24 5.71 1.54
N GLY A 273 -21.74 6.94 1.74
CA GLY A 273 -22.27 8.12 1.10
C GLY A 273 -21.33 9.30 1.24
N THR A 274 -21.47 10.26 0.33
CA THR A 274 -20.68 11.47 0.38
C THR A 274 -21.59 12.69 0.28
N PHE A 275 -21.31 13.69 1.12
CA PHE A 275 -21.95 14.99 1.01
C PHE A 275 -20.97 15.94 0.31
N GLU A 276 -21.33 16.40 -0.88
CA GLU A 276 -20.45 17.29 -1.64
C GLU A 276 -20.73 18.74 -1.32
N PHE A 277 -19.69 19.48 -0.92
CA PHE A 277 -19.82 20.89 -0.60
C PHE A 277 -18.90 21.76 -1.43
N LEU A 278 -19.39 22.90 -1.89
CA LEU A 278 -18.47 23.94 -2.32
C LEU A 278 -17.95 24.62 -1.05
N PHE A 279 -16.67 24.98 -1.08
CA PHE A 279 -15.98 25.53 0.07
C PHE A 279 -15.32 26.85 -0.30
N GLU A 280 -15.82 27.93 0.30
CA GLU A 280 -15.35 29.28 0.01
C GLU A 280 -15.38 30.08 1.30
N ASN A 281 -14.39 30.96 1.46
CA ASN A 281 -14.31 31.92 2.57
C ASN A 281 -14.54 31.34 3.96
N GLY A 282 -14.07 30.12 4.15
CA GLY A 282 -14.24 29.41 5.42
C GLY A 282 -15.64 28.84 5.64
N GLU A 283 -16.46 28.87 4.59
CA GLU A 283 -17.82 28.34 4.67
C GLU A 283 -18.01 27.14 3.75
N PHE A 284 -18.85 26.20 4.20
CA PHE A 284 -19.30 25.06 3.40
C PHE A 284 -20.69 25.33 2.84
N TYR A 285 -20.98 24.77 1.67
CA TYR A 285 -22.34 24.82 1.14
C TYR A 285 -22.61 23.53 0.39
N PHE A 286 -23.56 22.75 0.91
CA PHE A 286 -24.05 21.54 0.25
C PHE A 286 -24.48 21.84 -1.19
N ILE A 287 -24.20 20.91 -2.12
CA ILE A 287 -24.65 21.03 -3.52
C ILE A 287 -25.27 19.74 -4.09
N GLU A 288 -24.86 18.59 -3.56
CA GLU A 288 -25.52 17.30 -3.84
C GLU A 288 -24.93 16.14 -3.02
N MET A 289 -25.79 15.17 -2.72
CA MET A 289 -25.35 13.95 -2.07
C MET A 289 -25.30 12.78 -3.04
N ASN A 290 -24.13 12.15 -3.10
CA ASN A 290 -23.98 10.88 -3.78
C ASN A 290 -24.30 9.75 -2.81
N THR A 291 -25.47 9.15 -3.02
CA THR A 291 -25.93 8.02 -2.20
C THR A 291 -25.31 6.71 -2.69
N ARG A 292 -23.99 6.62 -2.61
CA ARG A 292 -23.20 5.52 -3.20
C ARG A 292 -21.71 5.70 -2.90
N ILE A 293 -20.92 4.64 -3.13
CA ILE A 293 -19.46 4.72 -3.07
C ILE A 293 -19.01 5.70 -4.15
N GLN A 294 -17.87 6.34 -3.93
CA GLN A 294 -17.31 7.20 -4.94
C GLN A 294 -16.02 6.67 -5.55
N VAL A 295 -15.71 7.18 -6.74
CA VAL A 295 -14.50 6.82 -7.44
C VAL A 295 -13.30 7.01 -6.50
N GLU A 296 -13.27 8.17 -5.84
CA GLU A 296 -12.11 8.57 -5.08
C GLU A 296 -12.04 8.04 -3.64
N HIS A 297 -12.91 7.08 -3.29
CA HIS A 297 -12.90 6.48 -1.95
C HIS A 297 -11.50 6.07 -1.42
N PRO A 298 -10.62 5.49 -2.28
CA PRO A 298 -9.32 5.05 -1.74
C PRO A 298 -8.49 6.12 -1.00
N VAL A 299 -8.67 7.41 -1.29
CA VAL A 299 -7.91 8.41 -0.53
C VAL A 299 -8.28 8.43 0.96
N THR A 300 -9.58 8.38 1.23
CA THR A 300 -10.12 8.31 2.58
C THR A 300 -9.63 7.06 3.29
N GLU A 301 -9.64 5.93 2.57
CA GLU A 301 -9.17 4.66 3.11
C GLU A 301 -7.75 4.71 3.66
N MET A 302 -6.83 5.28 2.87
CA MET A 302 -5.42 5.30 3.22
C MET A 302 -5.14 6.08 4.51
N ILE A 303 -5.89 7.16 4.70
CA ILE A 303 -5.65 8.07 5.81
C ILE A 303 -6.39 7.67 7.10
N THR A 304 -7.35 6.75 6.99
CA THR A 304 -8.23 6.37 8.10
C THR A 304 -8.14 4.91 8.51
N GLY A 305 -7.66 4.06 7.61
CA GLY A 305 -7.56 2.61 7.83
C GLY A 305 -8.82 1.85 7.45
N VAL A 306 -9.87 2.59 7.05
CA VAL A 306 -11.17 1.96 6.88
C VAL A 306 -11.35 1.38 5.48
N ASP A 307 -11.61 0.07 5.43
CA ASP A 307 -11.98 -0.56 4.18
C ASP A 307 -13.43 -0.26 3.94
N LEU A 308 -13.68 0.76 3.13
CA LEU A 308 -15.02 1.26 2.90
C LEU A 308 -15.91 0.25 2.22
N ILE A 309 -15.36 -0.46 1.23
CA ILE A 309 -16.11 -1.50 0.53
C ILE A 309 -16.48 -2.63 1.48
N LYS A 310 -15.54 -3.03 2.33
CA LYS A 310 -15.83 -4.06 3.33
C LYS A 310 -16.89 -3.62 4.36
N GLU A 311 -16.79 -2.38 4.85
CA GLU A 311 -17.88 -1.83 5.65
C GLU A 311 -19.25 -1.85 4.92
N GLN A 312 -19.27 -1.50 3.63
CA GLN A 312 -20.48 -1.58 2.81
C GLN A 312 -21.12 -2.97 2.82
N LEU A 313 -20.28 -4.00 2.79
CA LEU A 313 -20.77 -5.37 2.79
C LEU A 313 -21.26 -5.78 4.17
N ARG A 314 -20.57 -5.30 5.20
CA ARG A 314 -20.93 -5.52 6.61
C ARG A 314 -22.25 -4.87 6.96
N ILE A 315 -22.45 -3.62 6.53
CA ILE A 315 -23.70 -2.91 6.74
C ILE A 315 -24.84 -3.62 6.00
N ALA A 316 -24.54 -4.11 4.79
CA ALA A 316 -25.52 -4.82 3.97
C ALA A 316 -25.95 -6.12 4.63
N ALA A 317 -24.99 -6.84 5.24
CA ALA A 317 -25.29 -8.06 5.99
C ALA A 317 -26.03 -7.76 7.30
N GLY A 318 -26.29 -6.48 7.56
CA GLY A 318 -27.08 -6.06 8.70
C GLY A 318 -26.31 -5.86 10.00
N GLN A 319 -24.98 -5.97 9.90
CA GLN A 319 -24.10 -5.70 11.03
C GLN A 319 -24.12 -4.23 11.42
N PRO A 320 -24.34 -3.94 12.72
CA PRO A 320 -24.22 -2.57 13.20
C PRO A 320 -22.78 -2.08 13.12
N LEU A 321 -22.61 -0.75 12.99
CA LEU A 321 -21.27 -0.14 12.92
C LEU A 321 -20.39 -0.51 14.12
N SER A 322 -19.31 -1.24 13.86
CA SER A 322 -18.38 -1.65 14.90
C SER A 322 -17.48 -0.49 15.33
N ILE A 323 -17.36 0.51 14.47
CA ILE A 323 -16.45 1.64 14.68
C ILE A 323 -17.14 2.91 15.20
N LYS A 324 -16.74 3.30 16.41
CA LYS A 324 -17.22 4.53 17.03
C LYS A 324 -16.50 5.74 16.44
N GLN A 325 -17.18 6.88 16.43
CA GLN A 325 -16.60 8.13 15.93
C GLN A 325 -15.19 8.42 16.48
N GLU A 326 -15.02 8.30 17.80
CA GLU A 326 -13.76 8.64 18.48
C GLU A 326 -12.62 7.66 18.21
N GLU A 327 -12.89 6.65 17.37
CA GLU A 327 -11.87 5.68 16.94
C GLU A 327 -11.22 6.05 15.61
N VAL A 328 -11.90 6.92 14.86
CA VAL A 328 -11.49 7.33 13.52
C VAL A 328 -10.49 8.47 13.60
N HIS A 329 -9.25 8.20 13.20
CA HIS A 329 -8.21 9.23 13.22
C HIS A 329 -7.63 9.48 11.83
N VAL A 330 -7.55 10.76 11.48
CA VAL A 330 -6.77 11.19 10.33
C VAL A 330 -5.28 10.95 10.63
N ARG A 331 -4.59 10.31 9.70
CA ARG A 331 -3.16 10.12 9.81
C ARG A 331 -2.56 10.15 8.41
N GLY A 332 -1.60 11.05 8.21
CA GLY A 332 -0.94 11.21 6.92
C GLY A 332 -1.82 11.82 5.86
N HIS A 333 -1.45 11.58 4.60
CA HIS A 333 -2.04 12.27 3.47
C HIS A 333 -2.00 11.40 2.21
N ALA A 334 -3.06 11.48 1.41
CA ALA A 334 -3.19 10.64 0.23
C ALA A 334 -3.67 11.45 -0.95
N VAL A 335 -3.05 11.20 -2.10
CA VAL A 335 -3.43 11.84 -3.35
C VAL A 335 -3.80 10.74 -4.37
N GLU A 336 -4.82 11.00 -5.20
CA GLU A 336 -5.21 10.07 -6.26
C GLU A 336 -5.21 10.73 -7.62
N CYS A 337 -4.54 10.08 -8.57
CA CYS A 337 -4.57 10.51 -9.95
C CYS A 337 -5.42 9.54 -10.77
N ARG A 338 -6.46 10.08 -11.37
CA ARG A 338 -7.27 9.35 -12.33
C ARG A 338 -6.48 9.12 -13.59
N ILE A 339 -6.39 7.86 -14.01
CA ILE A 339 -5.71 7.50 -15.25
C ILE A 339 -6.74 7.27 -16.36
N ASN A 340 -6.73 8.16 -17.32
CA ASN A 340 -7.70 8.14 -18.39
C ASN A 340 -7.11 7.77 -19.74
N ALA A 341 -7.83 6.97 -20.52
CA ALA A 341 -7.48 6.69 -21.91
C ALA A 341 -8.04 7.80 -22.81
N GLU A 342 -7.23 8.81 -23.07
CA GLU A 342 -7.65 9.99 -23.82
C GLU A 342 -6.48 10.70 -24.50
N ASP A 343 -6.79 11.33 -25.63
CA ASP A 343 -5.84 12.16 -26.36
C ASP A 343 -5.46 13.37 -25.49
N PRO A 344 -4.15 13.54 -25.21
CA PRO A 344 -3.73 14.72 -24.44
C PRO A 344 -3.95 16.05 -25.20
N ASN A 345 -4.07 15.96 -26.51
CA ASN A 345 -4.29 17.12 -27.38
C ASN A 345 -5.75 17.41 -27.75
N THR A 346 -6.63 16.42 -27.58
CA THR A 346 -8.03 16.60 -27.95
C THR A 346 -9.01 16.22 -26.83
N PHE A 347 -8.54 15.40 -25.89
CA PHE A 347 -9.34 14.87 -24.77
C PHE A 347 -10.46 13.93 -25.22
N LEU A 348 -10.40 13.54 -26.49
CA LEU A 348 -11.30 12.52 -27.05
C LEU A 348 -10.87 11.16 -26.51
N PRO A 349 -11.84 10.30 -26.12
CA PRO A 349 -11.46 9.00 -25.56
C PRO A 349 -10.62 8.18 -26.55
N SER A 350 -9.55 7.57 -26.06
CA SER A 350 -8.64 6.80 -26.91
C SER A 350 -8.67 5.31 -26.53
N PRO A 351 -9.65 4.56 -27.09
CA PRO A 351 -9.73 3.13 -26.82
C PRO A 351 -8.63 2.38 -27.56
N GLY A 352 -8.63 1.05 -27.48
CA GLY A 352 -7.64 0.24 -28.19
C GLY A 352 -6.87 -0.71 -27.30
N LYS A 353 -5.84 -1.33 -27.87
CA LYS A 353 -5.11 -2.40 -27.20
C LYS A 353 -3.84 -1.89 -26.53
N ILE A 354 -3.59 -2.41 -25.32
CA ILE A 354 -2.40 -2.08 -24.50
C ILE A 354 -1.27 -3.06 -24.80
N THR A 355 -0.19 -2.54 -25.37
CA THR A 355 0.89 -3.38 -25.87
C THR A 355 1.97 -3.64 -24.81
N ARG A 356 2.14 -2.69 -23.90
CA ARG A 356 3.05 -2.84 -22.77
C ARG A 356 2.50 -2.08 -21.57
N PHE A 357 2.43 -2.78 -20.45
CA PHE A 357 1.96 -2.21 -19.20
C PHE A 357 2.97 -2.44 -18.09
N HIS A 358 3.25 -1.40 -17.32
CA HIS A 358 4.00 -1.60 -16.08
C HIS A 358 3.48 -0.69 -14.97
N ALA A 359 3.04 -1.30 -13.87
CA ALA A 359 2.50 -0.58 -12.74
C ALA A 359 3.62 -0.12 -11.81
N PRO A 360 3.45 1.05 -11.16
CA PRO A 360 4.40 1.44 -10.14
C PRO A 360 4.23 0.66 -8.84
N GLY A 361 5.32 0.48 -8.09
CA GLY A 361 5.30 -0.19 -6.78
C GLY A 361 6.02 0.62 -5.72
N GLY A 362 6.24 0.02 -4.57
CA GLY A 362 6.96 0.67 -3.48
C GLY A 362 6.08 1.07 -2.32
N PHE A 363 6.72 1.43 -1.20
CA PHE A 363 6.05 1.95 -0.01
C PHE A 363 5.09 3.10 -0.32
N GLY A 364 3.85 2.96 0.13
CA GLY A 364 2.82 3.99 -0.03
C GLY A 364 2.08 4.02 -1.37
N VAL A 365 2.43 3.13 -2.30
CA VAL A 365 1.88 3.20 -3.66
C VAL A 365 0.75 2.19 -3.80
N ARG A 366 -0.42 2.68 -4.21
CA ARG A 366 -1.60 1.86 -4.40
C ARG A 366 -2.13 2.06 -5.81
N TRP A 367 -2.32 0.94 -6.48
CA TRP A 367 -2.72 0.93 -7.86
C TRP A 367 -4.03 0.18 -7.98
N GLU A 368 -5.07 0.90 -8.39
CA GLU A 368 -6.40 0.33 -8.58
C GLU A 368 -6.75 0.38 -10.07
N SER A 369 -6.65 -0.78 -10.72
CA SER A 369 -6.95 -0.91 -12.15
C SER A 369 -7.19 -2.34 -12.57
N HIS A 370 -8.06 -2.51 -13.56
CA HIS A 370 -8.31 -3.80 -14.20
C HIS A 370 -7.37 -4.07 -15.39
N ILE A 371 -6.50 -3.13 -15.71
CA ILE A 371 -5.75 -3.25 -16.97
C ILE A 371 -4.51 -4.13 -16.82
N TYR A 372 -4.16 -4.80 -17.91
CA TYR A 372 -2.99 -5.69 -17.97
C TYR A 372 -2.38 -5.57 -19.35
N ALA A 373 -1.25 -6.23 -19.60
CA ALA A 373 -0.67 -6.24 -20.94
C ALA A 373 -1.50 -7.09 -21.89
N GLY A 374 -1.87 -6.50 -23.03
CA GLY A 374 -2.63 -7.19 -24.05
C GLY A 374 -4.13 -6.88 -23.96
N TYR A 375 -4.54 -6.19 -22.89
CA TYR A 375 -5.95 -5.88 -22.70
C TYR A 375 -6.41 -4.79 -23.66
N THR A 376 -7.63 -4.95 -24.17
CA THR A 376 -8.24 -3.99 -25.07
C THR A 376 -9.28 -3.13 -24.33
N VAL A 377 -9.07 -1.82 -24.40
CA VAL A 377 -10.00 -0.81 -23.89
C VAL A 377 -11.09 -0.58 -24.95
N PRO A 378 -12.34 -0.99 -24.66
CA PRO A 378 -13.43 -0.79 -25.63
C PRO A 378 -13.88 0.69 -25.68
N PRO A 379 -14.51 1.10 -26.80
CA PRO A 379 -14.98 2.47 -26.94
C PRO A 379 -16.33 2.77 -26.29
N TYR A 380 -17.00 1.75 -25.77
CA TYR A 380 -18.39 1.86 -25.30
C TYR A 380 -18.56 2.51 -23.92
N TYR A 381 -17.49 2.55 -23.13
CA TYR A 381 -17.63 2.89 -21.70
C TYR A 381 -16.86 4.13 -21.30
N ASP A 382 -16.75 4.39 -20.00
CA ASP A 382 -16.06 5.57 -19.49
C ASP A 382 -14.57 5.45 -19.82
N SER A 383 -13.88 6.58 -19.97
CA SER A 383 -12.48 6.54 -20.33
C SER A 383 -11.54 6.14 -19.18
N MET A 384 -12.00 6.28 -17.93
CA MET A 384 -11.13 6.00 -16.79
C MET A 384 -10.79 4.52 -16.72
N ILE A 385 -9.49 4.24 -16.76
CA ILE A 385 -9.02 2.85 -16.84
C ILE A 385 -8.28 2.40 -15.58
N GLY A 386 -7.80 3.37 -14.80
CA GLY A 386 -7.08 3.10 -13.57
C GLY A 386 -7.00 4.28 -12.60
N LYS A 387 -6.70 3.97 -11.35
CA LYS A 387 -6.54 4.96 -10.30
C LYS A 387 -5.25 4.70 -9.54
N LEU A 388 -4.40 5.72 -9.45
CA LEU A 388 -3.16 5.59 -8.72
C LEU A 388 -3.28 6.40 -7.44
N ILE A 389 -3.02 5.76 -6.31
CA ILE A 389 -3.17 6.42 -5.04
C ILE A 389 -1.88 6.30 -4.25
N CYS A 390 -1.30 7.45 -3.89
CA CYS A 390 -0.09 7.47 -3.11
C CYS A 390 -0.35 8.07 -1.74
N TYR A 391 0.03 7.33 -0.70
CA TYR A 391 -0.01 7.80 0.68
C TYR A 391 1.39 8.12 1.19
N GLY A 392 1.46 9.08 2.13
CA GLY A 392 2.68 9.36 2.87
C GLY A 392 2.38 10.04 4.19
N GLU A 393 3.40 10.12 5.06
CA GLU A 393 3.24 10.72 6.39
C GLU A 393 2.74 12.16 6.33
N ASN A 394 3.12 12.88 5.27
CA ASN A 394 2.58 14.21 5.04
C ASN A 394 2.27 14.50 3.56
N ARG A 395 1.80 15.71 3.26
CA ARG A 395 1.31 15.99 1.93
C ARG A 395 2.44 15.99 0.90
N ASP A 396 3.57 16.59 1.27
CA ASP A 396 4.71 16.67 0.37
C ASP A 396 5.30 15.29 0.02
N VAL A 397 5.30 14.38 0.99
CA VAL A 397 5.73 13.00 0.76
C VAL A 397 4.77 12.28 -0.20
N ALA A 398 3.47 12.44 0.04
CA ALA A 398 2.47 11.86 -0.83
C ALA A 398 2.58 12.36 -2.28
N ILE A 399 2.83 13.66 -2.43
CA ILE A 399 3.01 14.25 -3.79
C ILE A 399 4.30 13.74 -4.47
N ALA A 400 5.40 13.74 -3.71
CA ALA A 400 6.67 13.24 -4.23
C ALA A 400 6.57 11.79 -4.62
N ARG A 401 5.83 11.00 -3.84
CA ARG A 401 5.55 9.60 -4.20
C ARG A 401 4.73 9.49 -5.48
N MET A 402 3.71 10.33 -5.64
CA MET A 402 2.92 10.33 -6.86
C MET A 402 3.76 10.66 -8.10
N LYS A 403 4.65 11.66 -7.97
CA LYS A 403 5.54 12.03 -9.06
C LYS A 403 6.36 10.83 -9.53
N ASN A 404 7.05 10.20 -8.60
CA ASN A 404 7.89 9.05 -8.90
C ASN A 404 7.10 7.84 -9.37
N ALA A 405 5.90 7.66 -8.84
CA ALA A 405 5.03 6.57 -9.26
C ALA A 405 4.49 6.76 -10.69
N LEU A 406 4.14 7.98 -11.06
CA LEU A 406 3.68 8.26 -12.44
C LEU A 406 4.78 8.11 -13.48
N GLN A 407 6.03 8.33 -13.10
CA GLN A 407 7.15 8.10 -14.00
C GLN A 407 7.48 6.60 -14.18
N GLU A 408 7.02 5.76 -13.25
CA GLU A 408 7.22 4.30 -13.37
C GLU A 408 6.11 3.62 -14.18
N LEU A 409 4.96 4.27 -14.27
CA LEU A 409 3.80 3.72 -14.96
C LEU A 409 4.01 3.71 -16.47
N ILE A 410 3.80 2.57 -17.09
CA ILE A 410 3.87 2.47 -18.55
C ILE A 410 2.60 1.86 -19.11
N ILE A 411 1.91 2.62 -19.96
CA ILE A 411 0.74 2.18 -20.70
C ILE A 411 0.89 2.54 -22.20
N ASP A 412 1.38 1.59 -22.99
CA ASP A 412 1.68 1.83 -24.41
C ASP A 412 0.55 1.31 -25.28
N GLY A 413 0.40 1.86 -26.47
CA GLY A 413 -0.62 1.37 -27.41
C GLY A 413 -1.89 2.21 -27.46
N ILE A 414 -2.11 2.99 -26.40
CA ILE A 414 -3.20 3.96 -26.31
C ILE A 414 -2.65 5.22 -25.66
N LYS A 415 -3.33 6.34 -25.90
CA LYS A 415 -2.96 7.65 -25.36
C LYS A 415 -3.47 7.78 -23.92
N THR A 416 -2.73 8.45 -23.05
CA THR A 416 -3.14 8.62 -21.65
C THR A 416 -2.89 10.01 -21.09
N ASN A 417 -3.60 10.36 -20.02
CA ASN A 417 -3.42 11.64 -19.32
C ASN A 417 -2.25 11.66 -18.35
N VAL A 418 -1.52 10.54 -18.28
CA VAL A 418 -0.38 10.34 -17.38
C VAL A 418 0.55 11.55 -17.33
N ASP A 419 0.87 12.12 -18.50
CA ASP A 419 1.81 13.23 -18.57
C ASP A 419 1.20 14.56 -18.15
N LEU A 420 -0.12 14.67 -18.29
CA LEU A 420 -0.86 15.77 -17.70
C LEU A 420 -0.79 15.61 -16.19
N GLN A 421 -1.04 14.39 -15.71
CA GLN A 421 -0.96 14.10 -14.29
C GLN A 421 0.40 14.52 -13.73
N ILE A 422 1.47 14.08 -14.40
CA ILE A 422 2.84 14.49 -14.04
C ILE A 422 2.97 16.01 -13.92
N ARG A 423 2.39 16.72 -14.89
CA ARG A 423 2.45 18.17 -14.97
C ARG A 423 1.62 18.86 -13.87
N ILE A 424 0.54 18.21 -13.44
CA ILE A 424 -0.29 18.72 -12.35
C ILE A 424 0.43 18.57 -11.02
N MET A 425 1.12 17.45 -10.84
CA MET A 425 1.90 17.22 -9.63
C MET A 425 3.03 18.24 -9.46
N ASN A 426 3.65 18.64 -10.57
CA ASN A 426 4.70 19.65 -10.57
C ASN A 426 4.21 21.10 -10.44
N ASP A 427 2.91 21.31 -10.55
CA ASP A 427 2.37 22.67 -10.48
C ASP A 427 2.69 23.29 -9.12
N GLU A 428 3.27 24.50 -9.16
CA GLU A 428 3.73 25.22 -7.96
C GLU A 428 2.59 25.68 -7.05
N ASN A 429 1.41 25.90 -7.63
CA ASN A 429 0.22 26.26 -6.84
C ASN A 429 -0.46 25.03 -6.22
N PHE A 430 -0.41 23.90 -6.92
CA PHE A 430 -0.94 22.65 -6.39
C PHE A 430 -0.08 22.19 -5.21
N GLN A 431 1.20 22.57 -5.25
CA GLN A 431 2.16 22.21 -4.22
C GLN A 431 1.99 23.07 -2.98
N HIS A 432 1.63 24.35 -3.16
CA HIS A 432 1.23 25.17 -2.02
C HIS A 432 -0.07 24.61 -1.43
N GLY A 433 -0.99 24.17 -2.30
CA GLY A 433 -2.24 23.55 -1.87
C GLY A 433 -3.39 24.55 -1.84
N GLY A 434 -4.61 24.06 -2.07
CA GLY A 434 -5.82 24.85 -1.96
C GLY A 434 -6.31 25.56 -3.21
N THR A 435 -5.98 25.03 -4.38
CA THR A 435 -6.44 25.62 -5.64
C THR A 435 -7.93 25.29 -5.88
N ASN A 436 -8.61 26.18 -6.60
CA ASN A 436 -10.07 26.15 -6.69
C ASN A 436 -10.58 25.37 -7.91
N ILE A 437 -11.89 25.25 -8.06
CA ILE A 437 -12.45 24.40 -9.13
C ILE A 437 -12.23 24.92 -10.56
N HIS A 438 -11.70 26.13 -10.69
CA HIS A 438 -11.36 26.66 -12.01
C HIS A 438 -9.88 26.51 -12.33
N TYR A 439 -9.08 26.12 -11.34
CA TYR A 439 -7.63 26.20 -11.52
C TYR A 439 -7.07 25.47 -12.72
N LEU A 440 -7.51 24.23 -12.93
CA LEU A 440 -6.91 23.37 -13.96
C LEU A 440 -7.11 23.95 -15.35
N GLU A 441 -8.31 24.44 -15.63
CA GLU A 441 -8.57 25.00 -16.95
C GLU A 441 -7.86 26.35 -17.18
N LYS A 442 -7.69 27.14 -16.12
CA LYS A 442 -6.88 28.36 -16.17
C LYS A 442 -5.42 28.03 -16.49
N LYS A 443 -4.89 26.98 -15.85
CA LYS A 443 -3.50 26.55 -16.06
C LYS A 443 -3.28 26.06 -17.49
N LEU A 444 -4.33 25.54 -18.10
CA LEU A 444 -4.29 24.98 -19.47
C LEU A 444 -4.65 25.98 -20.59
N GLY A 445 -5.77 26.68 -20.43
CA GLY A 445 -6.28 27.58 -21.47
C GLY A 445 -7.55 27.03 -22.10
N MET B 1 20.62 17.79 3.22
CA MET B 1 20.38 16.38 2.76
C MET B 1 21.45 15.96 1.75
N LEU B 2 21.93 14.71 1.88
CA LEU B 2 22.89 14.08 0.95
C LEU B 2 22.55 14.33 -0.52
N ASP B 3 23.54 14.83 -1.27
CA ASP B 3 23.33 15.26 -2.65
C ASP B 3 23.26 14.12 -3.66
N LYS B 4 24.09 13.09 -3.46
CA LYS B 4 24.24 12.00 -4.40
C LYS B 4 24.82 10.80 -3.71
N ILE B 5 24.20 9.64 -3.94
CA ILE B 5 24.71 8.41 -3.34
C ILE B 5 24.94 7.31 -4.38
N VAL B 6 25.88 6.42 -4.08
CA VAL B 6 26.06 5.20 -4.86
C VAL B 6 25.22 4.12 -4.22
N ILE B 7 24.36 3.49 -5.01
CA ILE B 7 23.62 2.33 -4.54
C ILE B 7 24.43 1.09 -4.90
N ALA B 8 25.22 0.63 -3.92
CA ALA B 8 26.08 -0.53 -4.11
C ALA B 8 25.33 -1.84 -3.94
N ASN B 9 24.37 -2.10 -4.81
CA ASN B 9 23.59 -3.36 -4.79
C ASN B 9 22.86 -3.58 -6.12
N ARG B 10 21.95 -4.55 -6.14
CA ARG B 10 21.21 -4.91 -7.38
C ARG B 10 19.75 -5.25 -7.07
N GLY B 11 18.97 -5.53 -8.12
CA GLY B 11 17.64 -6.11 -7.95
C GLY B 11 16.69 -5.25 -7.14
N GLU B 12 15.78 -5.90 -6.41
CA GLU B 12 14.70 -5.19 -5.73
C GLU B 12 15.18 -4.15 -4.69
N ILE B 13 16.15 -4.53 -3.86
CA ILE B 13 16.65 -3.65 -2.79
C ILE B 13 17.38 -2.42 -3.32
N ALA B 14 18.01 -2.53 -4.48
CA ALA B 14 18.56 -1.35 -5.14
C ALA B 14 17.41 -0.41 -5.58
N LEU B 15 16.34 -1.01 -6.10
CA LEU B 15 15.17 -0.26 -6.53
C LEU B 15 14.44 0.32 -5.32
N ARG B 16 14.35 -0.46 -4.25
CA ARG B 16 13.81 0.01 -2.98
C ARG B 16 14.54 1.25 -2.47
N ILE B 17 15.87 1.24 -2.57
CA ILE B 17 16.70 2.35 -2.13
C ILE B 17 16.61 3.54 -3.08
N LEU B 18 16.54 3.25 -4.38
CA LEU B 18 16.42 4.29 -5.42
C LEU B 18 15.17 5.14 -5.24
N ARG B 19 14.05 4.47 -4.98
CA ARG B 19 12.79 5.17 -4.67
C ARG B 19 12.93 6.10 -3.48
N ALA B 20 13.58 5.61 -2.42
CA ALA B 20 13.78 6.41 -1.20
C ALA B 20 14.60 7.68 -1.46
N CYS B 21 15.57 7.59 -2.36
CA CYS B 21 16.40 8.73 -2.76
C CYS B 21 15.61 9.73 -3.58
N LYS B 22 14.82 9.22 -4.53
CA LYS B 22 13.99 10.07 -5.39
C LYS B 22 12.95 10.91 -4.62
N GLU B 23 12.27 10.32 -3.65
CA GLU B 23 11.34 11.10 -2.81
C GLU B 23 12.07 12.20 -2.06
N LEU B 24 13.25 11.87 -1.54
CA LEU B 24 14.06 12.81 -0.78
C LEU B 24 14.80 13.82 -1.67
N GLY B 25 14.77 13.60 -2.98
CA GLY B 25 15.48 14.46 -3.94
C GLY B 25 16.95 14.13 -4.08
N ILE B 26 17.38 13.01 -3.50
CA ILE B 26 18.77 12.56 -3.56
C ILE B 26 19.12 11.98 -4.92
N LYS B 27 20.19 12.48 -5.53
CA LYS B 27 20.71 11.97 -6.81
C LYS B 27 21.22 10.52 -6.71
N THR B 28 20.90 9.71 -7.71
CA THR B 28 21.25 8.29 -7.68
C THR B 28 22.30 7.93 -8.71
N VAL B 29 23.23 7.03 -8.31
CA VAL B 29 24.20 6.47 -9.22
C VAL B 29 24.07 4.97 -9.09
N ALA B 30 23.69 4.30 -10.17
CA ALA B 30 23.56 2.86 -10.14
C ALA B 30 24.78 2.17 -10.75
N VAL B 31 25.64 1.63 -9.88
CA VAL B 31 26.74 0.76 -10.28
C VAL B 31 26.20 -0.65 -10.55
N HIS B 32 26.68 -1.30 -11.61
CA HIS B 32 26.23 -2.65 -11.94
C HIS B 32 27.26 -3.50 -12.68
N SER B 33 27.03 -4.81 -12.65
CA SER B 33 27.75 -5.77 -13.48
C SER B 33 27.21 -5.66 -14.87
N SER B 34 27.99 -6.11 -15.84
CA SER B 34 27.58 -6.11 -17.24
C SER B 34 26.42 -7.08 -17.52
N ALA B 35 26.16 -7.98 -16.58
CA ALA B 35 25.00 -8.86 -16.66
C ALA B 35 23.73 -8.17 -16.17
N ASP B 36 23.86 -6.92 -15.73
CA ASP B 36 22.75 -6.25 -15.04
C ASP B 36 22.38 -4.89 -15.63
N ARG B 37 22.67 -4.69 -16.91
CA ARG B 37 22.34 -3.42 -17.57
C ARG B 37 20.83 -3.14 -17.68
N ASP B 38 20.01 -4.19 -17.57
CA ASP B 38 18.57 -4.05 -17.83
C ASP B 38 17.69 -4.16 -16.57
N LEU B 39 18.31 -4.13 -15.39
CA LEU B 39 17.57 -3.95 -14.13
C LEU B 39 16.74 -2.68 -14.15
N LYS B 40 15.59 -2.73 -13.50
CA LYS B 40 14.66 -1.59 -13.50
C LYS B 40 15.28 -0.34 -12.88
N HIS B 41 15.98 -0.51 -11.75
CA HIS B 41 16.54 0.65 -11.03
C HIS B 41 17.65 1.33 -11.83
N VAL B 42 18.43 0.52 -12.54
CA VAL B 42 19.51 1.00 -13.40
C VAL B 42 18.94 1.93 -14.46
N LEU B 43 17.81 1.50 -15.03
CA LEU B 43 17.12 2.21 -16.09
C LEU B 43 16.47 3.49 -15.59
N LEU B 44 16.14 3.53 -14.29
CA LEU B 44 15.52 4.74 -13.71
C LEU B 44 16.51 5.73 -13.08
N ALA B 45 17.76 5.29 -12.88
CA ALA B 45 18.77 6.11 -12.15
C ALA B 45 19.22 7.36 -12.89
N ASP B 46 19.71 8.33 -12.13
CA ASP B 46 20.30 9.55 -12.67
C ASP B 46 21.63 9.25 -13.38
N GLU B 47 22.45 8.39 -12.78
CA GLU B 47 23.74 8.02 -13.37
C GLU B 47 24.02 6.53 -13.21
N THR B 48 24.71 5.97 -14.20
CA THR B 48 25.03 4.55 -14.19
C THR B 48 26.50 4.29 -14.50
N VAL B 49 27.06 3.27 -13.84
CA VAL B 49 28.46 2.91 -13.99
C VAL B 49 28.56 1.39 -14.05
N CYS B 50 29.06 0.85 -15.16
CA CYS B 50 29.39 -0.57 -15.21
C CYS B 50 30.71 -0.74 -14.46
N ILE B 51 30.67 -1.46 -13.34
CA ILE B 51 31.85 -1.60 -12.49
C ILE B 51 32.63 -2.92 -12.67
N GLY B 52 32.14 -3.79 -13.54
CA GLY B 52 32.81 -5.06 -13.81
C GLY B 52 31.94 -6.13 -14.43
N PRO B 53 32.51 -7.32 -14.67
CA PRO B 53 31.78 -8.47 -15.22
C PRO B 53 30.78 -9.10 -14.23
N ALA B 54 30.07 -10.13 -14.71
CA ALA B 54 29.00 -10.77 -13.94
C ALA B 54 29.43 -11.29 -12.59
N PRO B 55 30.57 -12.01 -12.50
CA PRO B 55 31.00 -12.51 -11.18
C PRO B 55 31.07 -11.38 -10.16
N SER B 56 30.55 -11.63 -8.97
CA SER B 56 30.45 -10.59 -7.94
C SER B 56 31.83 -10.08 -7.50
N VAL B 57 32.83 -10.97 -7.51
CA VAL B 57 34.17 -10.60 -7.09
C VAL B 57 34.66 -9.33 -7.79
N LYS B 58 34.47 -9.27 -9.11
CA LYS B 58 34.86 -8.11 -9.90
C LYS B 58 33.68 -7.20 -10.22
N SER B 59 32.55 -7.40 -9.54
CA SER B 59 31.48 -6.41 -9.57
C SER B 59 31.00 -6.00 -8.16
N TYR B 60 29.95 -6.66 -7.65
CA TYR B 60 29.29 -6.19 -6.39
C TYR B 60 30.11 -6.30 -5.11
N LEU B 61 31.21 -7.04 -5.18
CA LEU B 61 32.14 -7.18 -4.07
C LEU B 61 33.46 -6.47 -4.38
N ASN B 62 33.48 -5.74 -5.50
CA ASN B 62 34.69 -5.09 -5.95
C ASN B 62 34.87 -3.73 -5.26
N ILE B 63 35.57 -3.76 -4.14
CA ILE B 63 35.83 -2.57 -3.34
C ILE B 63 36.41 -1.38 -4.13
N PRO B 64 37.59 -1.53 -4.79
CA PRO B 64 38.17 -0.39 -5.55
C PRO B 64 37.24 0.24 -6.57
N ALA B 65 36.54 -0.58 -7.34
CA ALA B 65 35.64 -0.13 -8.42
C ALA B 65 34.41 0.63 -7.94
N ILE B 66 33.82 0.17 -6.84
CA ILE B 66 32.69 0.85 -6.20
C ILE B 66 33.12 2.21 -5.65
N ILE B 67 34.28 2.24 -5.00
CA ILE B 67 34.81 3.50 -4.47
C ILE B 67 35.15 4.44 -5.63
N SER B 68 35.82 3.90 -6.65
CA SER B 68 36.11 4.62 -7.89
C SER B 68 34.87 5.30 -8.47
N ALA B 69 33.78 4.56 -8.61
CA ALA B 69 32.50 5.11 -9.10
C ALA B 69 31.97 6.30 -8.28
N ALA B 70 32.07 6.22 -6.96
CA ALA B 70 31.66 7.31 -6.09
C ALA B 70 32.52 8.55 -6.37
N GLU B 71 33.81 8.32 -6.62
CA GLU B 71 34.76 9.40 -6.94
C GLU B 71 34.46 10.08 -8.25
N ILE B 72 34.23 9.29 -9.32
CA ILE B 72 34.05 9.85 -10.67
C ILE B 72 32.72 10.63 -10.86
N THR B 73 31.67 10.22 -10.13
CA THR B 73 30.34 10.84 -10.25
C THR B 73 30.09 11.96 -9.23
N GLY B 74 30.87 11.98 -8.15
CA GLY B 74 30.80 13.05 -7.14
C GLY B 74 29.94 12.73 -5.93
N ALA B 75 29.75 11.45 -5.65
CA ALA B 75 28.90 10.99 -4.54
C ALA B 75 29.42 11.41 -3.17
N VAL B 76 28.52 11.45 -2.20
CA VAL B 76 28.91 11.73 -0.83
C VAL B 76 28.79 10.49 0.03
N ALA B 77 27.99 9.54 -0.44
CA ALA B 77 27.65 8.35 0.37
C ALA B 77 27.34 7.10 -0.45
N ILE B 78 27.54 5.93 0.16
CA ILE B 78 27.32 4.66 -0.50
C ILE B 78 26.34 3.80 0.30
N HIS B 79 25.21 3.43 -0.31
CA HIS B 79 24.32 2.50 0.32
C HIS B 79 24.67 1.06 -0.05
N PRO B 80 25.02 0.22 0.95
CA PRO B 80 25.43 -1.15 0.67
C PRO B 80 24.29 -2.17 0.57
N GLY B 81 23.05 -1.77 0.86
CA GLY B 81 21.90 -2.69 0.85
C GLY B 81 22.03 -3.82 1.87
N TYR B 82 21.62 -5.02 1.47
CA TYR B 82 21.88 -6.26 2.23
C TYR B 82 22.70 -7.20 1.36
N GLY B 83 23.33 -8.19 1.99
CA GLY B 83 24.26 -9.10 1.30
C GLY B 83 25.49 -8.35 0.81
N PHE B 84 26.27 -9.00 -0.04
CA PHE B 84 27.45 -8.36 -0.66
C PHE B 84 28.43 -7.76 0.34
N LEU B 85 28.61 -6.45 0.31
CA LEU B 85 29.58 -5.78 1.16
C LEU B 85 29.00 -5.12 2.41
N SER B 86 27.73 -5.40 2.75
CA SER B 86 27.03 -4.68 3.84
C SER B 86 27.58 -4.93 5.24
N GLU B 87 27.96 -6.17 5.54
CA GLU B 87 28.55 -6.53 6.83
C GLU B 87 30.06 -6.58 6.73
N ASN B 88 30.62 -5.93 5.71
CA ASN B 88 32.06 -5.97 5.48
C ASN B 88 32.76 -4.77 6.12
N ALA B 89 33.38 -5.05 7.26
CA ALA B 89 34.08 -4.04 8.05
C ALA B 89 35.20 -3.36 7.28
N ASN B 90 35.97 -4.14 6.49
CA ASN B 90 37.02 -3.58 5.64
C ASN B 90 36.49 -2.56 4.61
N PHE B 91 35.30 -2.84 4.07
CA PHE B 91 34.69 -1.98 3.06
C PHE B 91 34.27 -0.61 3.61
N ALA B 92 33.53 -0.63 4.73
CA ALA B 92 33.04 0.58 5.37
C ALA B 92 34.23 1.41 5.83
N GLU B 93 35.16 0.71 6.49
CA GLU B 93 36.49 1.18 6.80
C GLU B 93 37.07 1.93 5.59
N GLN B 94 37.14 1.26 4.44
CA GLN B 94 37.71 1.85 3.22
C GLN B 94 36.86 2.96 2.63
N VAL B 95 35.55 2.94 2.86
CA VAL B 95 34.63 3.94 2.34
C VAL B 95 34.80 5.27 3.09
N GLU B 96 34.85 5.20 4.42
CA GLU B 96 35.03 6.39 5.25
C GLU B 96 36.46 6.94 5.06
N ARG B 97 37.42 6.02 4.88
CA ARG B 97 38.82 6.37 4.60
C ARG B 97 38.96 7.14 3.28
N SER B 98 38.15 6.75 2.28
CA SER B 98 38.20 7.34 0.96
C SER B 98 37.44 8.66 0.91
N GLY B 99 36.83 9.02 2.04
CA GLY B 99 36.10 10.28 2.15
C GLY B 99 34.65 10.19 1.71
N PHE B 100 34.04 9.03 1.93
CA PHE B 100 32.61 8.88 1.65
C PHE B 100 31.86 8.41 2.87
N ILE B 101 30.58 8.77 2.94
CA ILE B 101 29.74 8.28 4.04
C ILE B 101 29.25 6.87 3.76
N PHE B 102 29.50 5.96 4.71
CA PHE B 102 28.97 4.61 4.68
C PHE B 102 27.58 4.60 5.30
N ILE B 103 26.57 4.26 4.51
CA ILE B 103 25.21 4.18 5.04
C ILE B 103 25.05 2.92 5.91
N GLY B 104 25.46 3.07 7.17
CA GLY B 104 25.47 1.96 8.13
C GLY B 104 26.42 2.24 9.28
N PRO B 105 26.67 1.23 10.14
CA PRO B 105 27.40 1.46 11.38
C PRO B 105 28.88 1.64 11.18
N LYS B 106 29.58 2.09 12.22
CA LYS B 106 31.05 2.23 12.22
C LYS B 106 31.71 0.87 12.03
N ALA B 107 32.81 0.84 11.29
CA ALA B 107 33.53 -0.40 11.02
C ALA B 107 33.69 -1.29 12.27
N GLU B 108 33.92 -0.66 13.42
CA GLU B 108 34.12 -1.37 14.68
C GLU B 108 32.87 -2.14 15.08
N THR B 109 31.72 -1.49 14.93
CA THR B 109 30.43 -2.10 15.26
C THR B 109 30.16 -3.32 14.38
N ILE B 110 30.41 -3.16 13.08
CA ILE B 110 30.33 -4.26 12.12
C ILE B 110 31.20 -5.41 12.58
N ARG B 111 32.46 -5.08 12.84
CA ARG B 111 33.48 -6.02 13.31
C ARG B 111 33.03 -6.68 14.64
N LEU B 112 32.66 -5.85 15.61
CA LEU B 112 32.14 -6.29 16.92
C LEU B 112 30.98 -7.29 16.81
N MET B 113 29.98 -6.93 16.01
CA MET B 113 28.81 -7.79 15.80
C MET B 113 29.02 -8.86 14.74
N GLY B 114 30.05 -8.71 13.92
CA GLY B 114 30.41 -9.71 12.91
C GLY B 114 31.03 -10.95 13.52
N ASP B 115 31.67 -10.76 14.69
CA ASP B 115 32.24 -11.87 15.43
C ASP B 115 31.24 -12.38 16.46
N LYS B 116 30.81 -13.63 16.29
CA LYS B 116 29.73 -14.21 17.11
C LYS B 116 30.03 -14.26 18.61
N VAL B 117 31.28 -14.56 18.95
CA VAL B 117 31.70 -14.66 20.35
C VAL B 117 31.70 -13.27 21.01
N SER B 118 32.37 -12.31 20.38
CA SER B 118 32.45 -10.93 20.89
C SER B 118 31.09 -10.24 20.89
N ALA B 119 30.23 -10.59 19.93
CA ALA B 119 28.86 -10.10 19.89
C ALA B 119 28.09 -10.61 21.10
N ILE B 120 28.07 -11.94 21.28
CA ILE B 120 27.32 -12.57 22.35
C ILE B 120 27.77 -12.07 23.73
N ALA B 121 29.04 -11.69 23.84
CA ALA B 121 29.60 -11.15 25.08
C ALA B 121 29.06 -9.76 25.38
N ALA B 122 29.13 -8.87 24.39
CA ALA B 122 28.63 -7.49 24.53
C ALA B 122 27.14 -7.44 24.87
N MET B 123 26.37 -8.38 24.32
CA MET B 123 24.94 -8.50 24.57
C MET B 123 24.64 -9.04 25.97
N LYS B 124 25.31 -10.14 26.33
CA LYS B 124 25.23 -10.69 27.69
C LYS B 124 25.57 -9.60 28.72
N LYS B 125 26.59 -8.81 28.40
CA LYS B 125 26.97 -7.61 29.17
C LYS B 125 25.90 -6.51 29.12
N ALA B 126 25.18 -6.41 28.00
CA ALA B 126 24.21 -5.34 27.81
C ALA B 126 22.86 -5.57 28.54
N GLY B 127 22.60 -6.81 28.91
CA GLY B 127 21.35 -7.17 29.59
C GLY B 127 20.39 -7.90 28.66
N VAL B 128 20.81 -8.03 27.40
CA VAL B 128 20.06 -8.76 26.38
C VAL B 128 20.23 -10.26 26.63
N PRO B 129 19.12 -10.97 26.91
CA PRO B 129 19.20 -12.40 27.21
C PRO B 129 19.85 -13.17 26.06
N CYS B 130 20.77 -14.08 26.40
CA CYS B 130 21.46 -14.89 25.42
C CYS B 130 21.12 -16.37 25.61
N VAL B 131 21.65 -17.21 24.74
CA VAL B 131 21.49 -18.66 24.88
C VAL B 131 22.52 -19.18 25.91
N PRO B 132 22.06 -19.94 26.91
CA PRO B 132 22.98 -20.59 27.84
C PRO B 132 24.07 -21.35 27.10
N GLY B 133 25.33 -21.08 27.43
CA GLY B 133 26.44 -21.73 26.77
C GLY B 133 27.81 -21.47 27.34
N SER B 134 28.82 -21.75 26.52
CA SER B 134 30.25 -21.64 26.87
C SER B 134 30.70 -20.25 27.31
N ASP B 135 30.03 -19.21 26.79
CA ASP B 135 30.35 -17.83 27.12
C ASP B 135 31.84 -17.56 26.95
N GLY B 136 32.34 -17.92 25.78
CA GLY B 136 33.75 -17.77 25.42
C GLY B 136 34.14 -18.84 24.42
N PRO B 137 35.35 -18.73 23.85
CA PRO B 137 35.86 -19.76 22.91
C PRO B 137 36.11 -21.10 23.59
N LEU B 138 35.93 -22.19 22.85
CA LEU B 138 36.26 -23.51 23.37
C LEU B 138 37.77 -23.75 23.31
N GLY B 139 38.34 -24.13 24.45
CA GLY B 139 39.75 -24.51 24.53
C GLY B 139 39.96 -25.94 24.05
N ASP B 140 41.19 -26.41 24.16
CA ASP B 140 41.54 -27.76 23.71
C ASP B 140 41.32 -28.85 24.76
N ASP B 141 40.92 -28.44 25.96
CA ASP B 141 40.66 -29.37 27.05
C ASP B 141 39.26 -29.98 26.98
N MET B 142 39.18 -31.21 26.49
CA MET B 142 37.90 -31.88 26.26
C MET B 142 37.19 -32.38 27.52
N ASP B 143 37.91 -32.41 28.64
CA ASP B 143 37.30 -32.67 29.94
C ASP B 143 36.50 -31.45 30.39
N LYS B 144 37.13 -30.27 30.29
CA LYS B 144 36.50 -28.99 30.63
C LYS B 144 35.29 -28.66 29.74
N ASN B 145 35.37 -29.04 28.47
CA ASN B 145 34.26 -28.88 27.53
C ASN B 145 33.10 -29.85 27.83
N ARG B 146 33.44 -31.08 28.20
CA ARG B 146 32.44 -32.06 28.68
C ARG B 146 31.72 -31.55 29.93
N ALA B 147 32.45 -30.75 30.71
CA ALA B 147 31.93 -30.13 31.92
C ALA B 147 30.88 -29.06 31.59
N ILE B 148 31.20 -28.17 30.64
CA ILE B 148 30.28 -27.13 30.18
C ILE B 148 29.05 -27.76 29.49
N ALA B 149 29.27 -28.85 28.74
CA ALA B 149 28.21 -29.63 28.10
C ALA B 149 27.24 -30.24 29.12
N LYS B 150 27.77 -30.70 30.24
CA LYS B 150 26.93 -31.13 31.35
C LYS B 150 26.28 -29.93 32.03
N ARG B 151 27.04 -28.83 32.14
CA ARG B 151 26.59 -27.63 32.84
C ARG B 151 25.35 -26.99 32.20
N ILE B 152 25.27 -27.01 30.87
CA ILE B 152 24.13 -26.43 30.16
C ILE B 152 23.03 -27.47 29.96
N GLY B 153 23.45 -28.74 29.86
CA GLY B 153 22.53 -29.86 29.62
C GLY B 153 22.41 -30.21 28.14
N TYR B 154 22.31 -31.50 27.85
CA TYR B 154 22.13 -31.95 26.47
C TYR B 154 20.69 -31.77 25.99
N PRO B 155 20.51 -31.38 24.71
CA PRO B 155 21.57 -31.25 23.71
C PRO B 155 22.20 -29.87 23.66
N VAL B 156 23.44 -29.80 23.17
CA VAL B 156 24.14 -28.55 22.95
C VAL B 156 24.51 -28.39 21.48
N ILE B 157 24.92 -27.19 21.09
CA ILE B 157 25.33 -26.89 19.71
C ILE B 157 26.69 -26.20 19.65
N ILE B 158 27.57 -26.74 18.80
CA ILE B 158 28.88 -26.15 18.54
C ILE B 158 28.72 -25.21 17.33
N LYS B 159 29.06 -23.94 17.52
CA LYS B 159 29.00 -22.95 16.43
C LYS B 159 30.31 -22.20 16.25
N ALA B 160 30.78 -22.12 15.01
CA ALA B 160 31.99 -21.37 14.69
C ALA B 160 31.75 -19.87 14.82
N SER B 161 32.74 -19.16 15.36
CA SER B 161 32.63 -17.75 15.72
C SER B 161 32.61 -16.78 14.55
N GLY B 162 33.21 -17.18 13.43
CA GLY B 162 33.16 -16.38 12.21
C GLY B 162 31.78 -16.40 11.57
N GLY B 163 31.03 -17.48 11.81
CA GLY B 163 29.78 -17.75 11.11
C GLY B 163 28.54 -16.96 11.50
N GLY B 164 27.54 -17.67 12.02
CA GLY B 164 26.21 -17.10 12.26
C GLY B 164 25.29 -17.30 11.06
N GLY B 165 24.01 -17.48 11.34
CA GLY B 165 22.99 -17.69 10.30
C GLY B 165 22.67 -19.14 10.01
N GLY B 166 23.55 -20.04 10.45
CA GLY B 166 23.41 -21.48 10.22
C GLY B 166 24.59 -22.09 9.47
N ARG B 167 25.60 -21.27 9.21
CA ARG B 167 26.78 -21.68 8.43
C ARG B 167 27.83 -22.38 9.30
N GLY B 168 27.98 -23.69 9.10
CA GLY B 168 28.98 -24.49 9.81
C GLY B 168 28.66 -24.73 11.27
N MET B 169 27.95 -25.82 11.55
CA MET B 169 27.60 -26.24 12.92
C MET B 169 27.10 -27.68 12.98
N ARG B 170 27.11 -28.26 14.19
CA ARG B 170 26.53 -29.59 14.43
C ARG B 170 26.00 -29.79 15.85
N VAL B 171 24.86 -30.48 15.94
CA VAL B 171 24.16 -30.75 17.19
C VAL B 171 24.83 -31.93 17.92
N VAL B 172 25.05 -31.76 19.23
CA VAL B 172 25.68 -32.79 20.06
C VAL B 172 24.68 -33.39 21.04
N ARG B 173 24.43 -34.70 20.90
CA ARG B 173 23.42 -35.40 21.70
C ARG B 173 24.00 -36.35 22.75
N GLY B 174 25.32 -36.29 22.95
CA GLY B 174 25.99 -37.16 23.92
C GLY B 174 27.47 -36.85 24.09
N ASP B 175 28.04 -37.32 25.19
CA ASP B 175 29.46 -37.12 25.49
C ASP B 175 30.37 -37.86 24.51
N ALA B 176 29.82 -38.92 23.91
CA ALA B 176 30.54 -39.75 22.95
C ALA B 176 30.88 -39.01 21.66
N GLU B 177 29.97 -38.16 21.20
CA GLU B 177 30.14 -37.46 19.93
C GLU B 177 30.72 -36.05 20.08
N LEU B 178 30.74 -35.53 21.30
CA LEU B 178 31.21 -34.17 21.57
C LEU B 178 32.61 -33.90 21.01
N ALA B 179 33.55 -34.79 21.35
CA ALA B 179 34.95 -34.64 20.96
C ALA B 179 35.11 -34.37 19.46
N GLN B 180 34.67 -35.33 18.65
CA GLN B 180 34.81 -35.24 17.20
C GLN B 180 34.11 -34.02 16.61
N SER B 181 33.00 -33.60 17.24
CA SER B 181 32.18 -32.50 16.75
C SER B 181 32.83 -31.12 16.91
N ILE B 182 33.55 -30.91 18.02
CA ILE B 182 34.30 -29.68 18.22
C ILE B 182 35.49 -29.62 17.26
N SER B 183 36.16 -30.76 17.13
CA SER B 183 37.32 -30.93 16.23
C SER B 183 36.98 -30.67 14.76
N MET B 184 35.85 -31.21 14.30
CA MET B 184 35.44 -31.06 12.90
C MET B 184 35.00 -29.63 12.56
N THR B 185 34.26 -29.00 13.47
CA THR B 185 33.81 -27.61 13.29
C THR B 185 34.99 -26.65 13.17
N ARG B 186 35.93 -26.76 14.10
CA ARG B 186 37.16 -25.99 14.10
C ARG B 186 37.93 -26.15 12.79
N ALA B 187 38.13 -27.40 12.37
CA ALA B 187 38.90 -27.72 11.17
C ALA B 187 38.28 -27.21 9.86
N GLU B 188 36.94 -27.16 9.84
CA GLU B 188 36.20 -26.67 8.68
C GLU B 188 35.99 -25.15 8.72
N ALA B 189 36.15 -24.58 9.91
CA ALA B 189 36.13 -23.11 10.07
C ALA B 189 37.49 -22.53 9.69
N LYS B 190 38.54 -23.35 9.78
CA LYS B 190 39.91 -22.92 9.49
C LYS B 190 40.08 -22.44 8.04
N ALA B 191 39.29 -23.01 7.14
CA ALA B 191 39.27 -22.61 5.74
C ALA B 191 38.21 -21.53 5.45
N ALA B 192 37.12 -21.58 6.19
CA ALA B 192 35.93 -20.75 5.93
C ALA B 192 36.05 -19.30 6.38
N PHE B 193 36.91 -19.04 7.36
CA PHE B 193 37.03 -17.69 7.91
C PHE B 193 38.46 -17.31 8.28
N SER B 194 39.41 -18.22 8.02
CA SER B 194 40.78 -18.13 8.56
C SER B 194 40.81 -18.24 10.11
N ASN B 195 39.63 -18.29 10.70
CA ASN B 195 39.42 -18.34 12.14
C ASN B 195 39.07 -19.75 12.62
N ASP B 196 39.59 -20.13 13.78
CA ASP B 196 39.38 -21.47 14.34
C ASP B 196 38.45 -21.48 15.56
N MET B 197 38.06 -20.27 15.99
CA MET B 197 37.28 -20.07 17.21
C MET B 197 35.87 -20.62 17.12
N VAL B 198 35.48 -21.37 18.14
CA VAL B 198 34.17 -22.02 18.21
C VAL B 198 33.60 -21.82 19.60
N TYR B 199 32.28 -21.75 19.70
CA TYR B 199 31.63 -21.62 21.00
C TYR B 199 30.52 -22.64 21.19
N MET B 200 30.10 -22.81 22.44
CA MET B 200 29.04 -23.74 22.82
C MET B 200 27.77 -22.98 23.25
N GLU B 201 26.63 -23.57 22.95
CA GLU B 201 25.32 -23.09 23.40
C GLU B 201 24.35 -24.27 23.54
N LYS B 202 23.30 -24.09 24.35
CA LYS B 202 22.19 -25.04 24.44
C LYS B 202 21.53 -25.18 23.07
N TYR B 203 21.19 -26.42 22.70
CA TYR B 203 20.41 -26.64 21.48
C TYR B 203 18.92 -26.62 21.79
N LEU B 204 18.28 -25.50 21.46
CA LEU B 204 16.85 -25.32 21.70
C LEU B 204 16.09 -26.15 20.69
N GLU B 205 15.37 -27.15 21.21
CA GLU B 205 14.67 -28.15 20.39
C GLU B 205 13.52 -27.59 19.54
N ASN B 206 12.92 -26.48 19.99
CA ASN B 206 11.68 -25.97 19.37
C ASN B 206 11.47 -24.44 19.38
N PRO B 207 12.41 -23.68 18.77
CA PRO B 207 12.29 -22.24 18.83
C PRO B 207 11.47 -21.64 17.67
N ARG B 208 10.99 -20.42 17.89
CA ARG B 208 10.50 -19.57 16.81
C ARG B 208 11.58 -18.53 16.58
N HIS B 209 11.73 -18.09 15.32
CA HIS B 209 12.66 -17.01 15.02
C HIS B 209 11.92 -15.70 15.15
N VAL B 210 12.28 -14.92 16.16
CA VAL B 210 11.69 -13.61 16.39
C VAL B 210 12.83 -12.60 16.48
N GLU B 211 12.77 -11.56 15.66
CA GLU B 211 13.79 -10.52 15.60
C GLU B 211 13.21 -9.14 15.84
N ILE B 212 14.08 -8.21 16.23
CA ILE B 212 13.68 -6.88 16.61
C ILE B 212 14.32 -5.89 15.67
N GLN B 213 13.49 -4.99 15.11
CA GLN B 213 14.00 -3.91 14.30
C GLN B 213 14.40 -2.81 15.23
N VAL B 214 15.56 -2.20 14.99
CA VAL B 214 15.98 -1.01 15.72
C VAL B 214 16.48 0.06 14.76
N LEU B 215 16.42 1.29 15.22
CA LEU B 215 17.07 2.44 14.59
C LEU B 215 17.85 3.17 15.67
N ALA B 216 19.08 3.53 15.35
CA ALA B 216 19.91 4.30 16.25
C ALA B 216 20.68 5.33 15.45
N ASP B 217 20.63 6.59 15.87
CA ASP B 217 21.37 7.65 15.19
C ASP B 217 22.83 7.57 15.62
N GLY B 218 23.61 8.59 15.28
CA GLY B 218 24.98 8.63 15.79
C GLY B 218 25.02 8.93 17.29
N GLN B 219 24.06 9.71 17.76
CA GLN B 219 24.25 10.62 18.89
C GLN B 219 23.66 10.22 20.24
N GLY B 220 23.47 8.92 20.47
CA GLY B 220 23.00 8.43 21.76
C GLY B 220 21.61 7.81 21.81
N ASN B 221 20.72 8.24 20.92
CA ASN B 221 19.34 7.73 20.89
C ASN B 221 19.14 6.44 20.09
N ALA B 222 18.37 5.52 20.65
CA ALA B 222 17.98 4.30 19.93
C ALA B 222 16.53 3.93 20.20
N ILE B 223 15.84 3.50 19.15
CA ILE B 223 14.45 3.08 19.28
C ILE B 223 14.21 1.72 18.64
N TYR B 224 13.30 0.96 19.24
CA TYR B 224 12.87 -0.30 18.68
C TYR B 224 11.55 -0.10 17.95
N LEU B 225 11.35 -0.86 16.88
CA LEU B 225 10.14 -0.79 16.08
C LEU B 225 9.54 -2.19 16.01
N ALA B 226 9.03 -2.64 17.16
CA ALA B 226 8.41 -3.95 17.29
C ALA B 226 9.27 -5.12 16.77
N GLU B 227 8.62 -6.23 16.48
CA GLU B 227 9.34 -7.43 16.10
C GLU B 227 8.84 -8.03 14.80
N ARG B 228 9.64 -8.91 14.21
CA ARG B 228 9.20 -9.75 13.11
C ARG B 228 9.44 -11.21 13.51
N ASP B 229 8.59 -12.09 13.03
CA ASP B 229 8.77 -13.52 13.23
C ASP B 229 9.12 -14.12 11.89
N CYS B 230 10.22 -14.86 11.82
CA CYS B 230 10.69 -15.40 10.56
C CYS B 230 10.93 -16.91 10.57
N SER B 231 10.08 -17.64 11.29
CA SER B 231 10.25 -19.08 11.50
C SER B 231 10.10 -19.92 10.22
N MET B 232 9.41 -19.38 9.23
CA MET B 232 9.15 -20.11 8.00
C MET B 232 10.41 -20.06 7.12
N GLN B 233 11.17 -21.16 7.14
CA GLN B 233 12.45 -21.23 6.44
C GLN B 233 12.79 -22.58 5.86
N ARG B 234 13.66 -22.57 4.84
CA ARG B 234 14.22 -23.80 4.28
C ARG B 234 15.72 -23.68 4.19
N ARG B 235 16.41 -24.54 4.94
CA ARG B 235 17.87 -24.48 5.08
C ARG B 235 18.26 -23.11 5.63
N HIS B 236 17.60 -22.76 6.74
CA HIS B 236 17.85 -21.51 7.48
C HIS B 236 17.65 -20.25 6.63
N GLN B 237 16.98 -20.41 5.49
CA GLN B 237 16.65 -19.27 4.63
C GLN B 237 15.19 -18.92 4.80
N LYS B 238 14.95 -17.70 5.28
CA LYS B 238 13.60 -17.21 5.50
C LYS B 238 12.81 -17.19 4.19
N VAL B 239 11.51 -17.50 4.29
CA VAL B 239 10.64 -17.65 3.13
C VAL B 239 9.45 -16.70 3.29
N VAL B 240 8.91 -16.69 4.50
CA VAL B 240 7.78 -15.85 4.90
C VAL B 240 8.16 -15.13 6.17
N GLU B 241 7.79 -13.86 6.28
CA GLU B 241 8.05 -13.10 7.50
C GLU B 241 6.82 -12.28 7.83
N GLU B 242 6.51 -12.16 9.11
CA GLU B 242 5.33 -11.40 9.52
C GLU B 242 5.61 -10.52 10.72
N ALA B 243 4.89 -9.41 10.80
CA ALA B 243 5.04 -8.45 11.89
C ALA B 243 3.68 -7.91 12.32
N PRO B 244 3.42 -7.87 13.64
CA PRO B 244 4.32 -8.28 14.72
C PRO B 244 4.36 -9.80 14.83
N ALA B 245 5.06 -10.34 15.82
CA ALA B 245 5.08 -11.78 16.00
C ALA B 245 3.82 -12.21 16.73
N PRO B 246 3.04 -13.11 16.11
CA PRO B 246 1.83 -13.64 16.73
C PRO B 246 2.09 -14.27 18.09
N GLY B 247 1.60 -13.64 19.16
CA GLY B 247 1.71 -14.16 20.52
C GLY B 247 2.44 -13.24 21.48
N ILE B 248 3.25 -12.34 20.93
CA ILE B 248 4.01 -11.38 21.72
C ILE B 248 3.11 -10.26 22.25
N THR B 249 3.03 -10.19 23.58
CA THR B 249 2.25 -9.20 24.31
C THR B 249 2.92 -7.84 24.20
N PRO B 250 2.14 -6.73 24.26
CA PRO B 250 2.70 -5.37 24.36
C PRO B 250 3.76 -5.24 25.46
N GLU B 251 3.68 -6.10 26.47
CA GLU B 251 4.60 -6.07 27.62
C GLU B 251 5.92 -6.76 27.30
N LEU B 252 5.85 -8.00 26.83
CA LEU B 252 7.02 -8.73 26.35
C LEU B 252 7.77 -7.95 25.29
N ARG B 253 7.02 -7.33 24.36
CA ARG B 253 7.59 -6.50 23.29
C ARG B 253 8.38 -5.32 23.87
N ARG B 254 7.86 -4.76 24.96
CA ARG B 254 8.42 -3.57 25.59
C ARG B 254 9.69 -3.94 26.36
N TYR B 255 9.66 -5.11 27.00
CA TYR B 255 10.80 -5.62 27.76
C TYR B 255 12.01 -5.94 26.87
N ILE B 256 11.80 -6.73 25.81
CA ILE B 256 12.87 -7.16 24.92
C ILE B 256 13.33 -6.03 23.98
N GLY B 257 12.41 -5.14 23.64
CA GLY B 257 12.69 -4.02 22.79
C GLY B 257 13.55 -2.98 23.46
N GLU B 258 13.21 -2.66 24.71
CA GLU B 258 13.95 -1.64 25.47
C GLU B 258 15.38 -2.07 25.77
N ARG B 259 15.59 -3.37 25.92
CA ARG B 259 16.94 -3.90 26.10
C ARG B 259 17.75 -3.76 24.82
N CYS B 260 17.20 -4.25 23.70
CA CYS B 260 17.79 -4.06 22.38
C CYS B 260 18.22 -2.61 22.15
N ALA B 261 17.31 -1.68 22.42
CA ALA B 261 17.55 -0.25 22.28
C ALA B 261 18.62 0.27 23.25
N LYS B 262 18.70 -0.37 24.41
CA LYS B 262 19.72 0.00 25.38
C LYS B 262 21.07 -0.59 24.94
N ALA B 263 21.03 -1.79 24.36
CA ALA B 263 22.23 -2.40 23.80
C ALA B 263 22.77 -1.60 22.61
N CYS B 264 21.91 -0.87 21.92
CA CYS B 264 22.34 0.07 20.89
C CYS B 264 23.05 1.27 21.51
N VAL B 265 22.60 1.65 22.71
CA VAL B 265 23.18 2.77 23.46
C VAL B 265 24.60 2.40 23.87
N ASP B 266 24.73 1.21 24.45
CA ASP B 266 26.00 0.72 25.01
C ASP B 266 27.10 0.60 23.96
N ILE B 267 26.83 -0.16 22.89
CA ILE B 267 27.83 -0.42 21.86
C ILE B 267 28.02 0.75 20.90
N GLY B 268 27.29 1.85 21.13
CA GLY B 268 27.34 3.02 20.26
C GLY B 268 27.00 2.65 18.83
N TYR B 269 25.76 2.18 18.62
CA TYR B 269 25.33 1.74 17.30
C TYR B 269 25.01 2.93 16.40
N ARG B 270 24.97 2.69 15.09
CA ARG B 270 24.55 3.72 14.11
C ARG B 270 23.85 3.12 12.88
N GLY B 271 22.67 3.65 12.57
CA GLY B 271 21.89 3.21 11.41
C GLY B 271 20.82 2.23 11.80
N ALA B 272 20.35 1.44 10.84
CA ALA B 272 19.33 0.43 11.11
C ALA B 272 20.00 -0.88 11.45
N GLY B 273 19.34 -1.70 12.25
CA GLY B 273 19.90 -2.97 12.66
C GLY B 273 18.84 -3.92 13.13
N THR B 274 19.21 -5.20 13.23
CA THR B 274 18.28 -6.23 13.66
C THR B 274 18.92 -7.19 14.64
N PHE B 275 18.28 -7.34 15.80
CA PHE B 275 18.69 -8.34 16.77
C PHE B 275 17.82 -9.58 16.54
N GLU B 276 18.45 -10.67 16.12
CA GLU B 276 17.72 -11.93 15.94
C GLU B 276 17.72 -12.68 17.27
N PHE B 277 16.61 -13.38 17.54
CA PHE B 277 16.46 -14.17 18.76
C PHE B 277 15.77 -15.50 18.48
N LEU B 278 16.28 -16.57 19.08
CA LEU B 278 15.49 -17.78 19.19
C LEU B 278 14.51 -17.61 20.35
N PHE B 279 13.23 -17.79 20.07
CA PHE B 279 12.18 -17.54 21.03
C PHE B 279 11.50 -18.86 21.37
N GLU B 280 11.68 -19.31 22.62
CA GLU B 280 11.21 -20.64 23.06
C GLU B 280 10.61 -20.63 24.46
N ASN B 281 9.43 -21.26 24.58
CA ASN B 281 8.71 -21.38 25.86
C ASN B 281 8.58 -20.02 26.57
N GLY B 282 8.18 -19.01 25.81
CA GLY B 282 7.95 -17.67 26.37
C GLY B 282 9.21 -16.86 26.67
N GLU B 283 10.38 -17.47 26.46
CA GLU B 283 11.66 -16.81 26.73
C GLU B 283 12.39 -16.49 25.43
N PHE B 284 12.96 -15.28 25.38
CA PHE B 284 13.81 -14.84 24.27
C PHE B 284 15.28 -15.21 24.46
N TYR B 285 15.97 -15.49 23.36
CA TYR B 285 17.40 -15.81 23.43
C TYR B 285 18.20 -15.25 22.24
N PHE B 286 19.02 -14.24 22.51
CA PHE B 286 19.92 -13.63 21.52
C PHE B 286 20.80 -14.67 20.82
N ILE B 287 20.93 -14.55 19.50
CA ILE B 287 21.87 -15.38 18.76
C ILE B 287 22.78 -14.60 17.84
N GLU B 288 22.33 -13.44 17.37
CA GLU B 288 23.13 -12.54 16.53
C GLU B 288 22.44 -11.26 16.10
N MET B 289 23.25 -10.31 15.67
CA MET B 289 22.77 -9.04 15.18
C MET B 289 23.19 -8.86 13.73
N ASN B 290 22.29 -8.27 12.95
CA ASN B 290 22.57 -7.88 11.57
C ASN B 290 22.72 -6.38 11.51
N THR B 291 23.90 -5.92 11.11
CA THR B 291 24.27 -4.50 11.15
C THR B 291 24.02 -3.84 9.80
N ARG B 292 22.75 -3.75 9.42
CA ARG B 292 22.34 -3.36 8.08
C ARG B 292 20.81 -3.43 7.97
N ILE B 293 20.27 -2.88 6.87
CA ILE B 293 18.88 -3.13 6.51
C ILE B 293 18.68 -4.61 6.18
N GLN B 294 17.45 -5.08 6.32
CA GLN B 294 17.15 -6.49 6.11
C GLN B 294 16.10 -6.68 5.03
N VAL B 295 16.19 -7.80 4.35
CA VAL B 295 15.23 -8.23 3.32
C VAL B 295 13.79 -7.93 3.77
N GLU B 296 13.45 -8.37 4.98
CA GLU B 296 12.07 -8.31 5.47
C GLU B 296 11.63 -7.00 6.12
N HIS B 297 12.49 -5.97 6.08
CA HIS B 297 12.17 -4.66 6.66
C HIS B 297 10.77 -4.10 6.32
N PRO B 298 10.25 -4.34 5.08
CA PRO B 298 8.92 -3.81 4.71
C PRO B 298 7.75 -4.15 5.63
N VAL B 299 7.77 -5.31 6.28
CA VAL B 299 6.64 -5.68 7.14
C VAL B 299 6.61 -4.82 8.40
N THR B 300 7.78 -4.34 8.82
CA THR B 300 7.89 -3.41 9.93
C THR B 300 7.38 -2.04 9.52
N GLU B 301 7.65 -1.65 8.29
CA GLU B 301 7.19 -0.37 7.75
C GLU B 301 5.65 -0.29 7.70
N MET B 302 5.00 -1.39 7.29
CA MET B 302 3.53 -1.42 7.21
C MET B 302 2.90 -1.25 8.58
N ILE B 303 3.46 -1.90 9.61
CA ILE B 303 2.83 -1.96 10.93
C ILE B 303 3.09 -0.73 11.79
N THR B 304 4.22 -0.05 11.56
CA THR B 304 4.58 1.15 12.30
C THR B 304 4.44 2.47 11.51
N GLY B 305 4.44 2.39 10.19
CA GLY B 305 4.39 3.60 9.35
C GLY B 305 5.74 4.26 9.06
N VAL B 306 6.83 3.62 9.46
CA VAL B 306 8.15 4.23 9.39
C VAL B 306 8.95 3.77 8.17
N ASP B 307 9.41 4.72 7.38
CA ASP B 307 10.23 4.45 6.22
C ASP B 307 11.70 4.26 6.62
N LEU B 308 12.13 3.01 6.63
CA LEU B 308 13.42 2.62 7.17
C LEU B 308 14.65 3.02 6.32
N ILE B 309 14.49 3.07 5.00
CA ILE B 309 15.58 3.51 4.14
C ILE B 309 15.74 5.00 4.32
N LYS B 310 14.64 5.73 4.25
CA LYS B 310 14.66 7.16 4.54
C LYS B 310 15.29 7.48 5.91
N GLU B 311 14.96 6.73 6.94
CA GLU B 311 15.59 6.92 8.25
C GLU B 311 17.08 6.61 8.24
N GLN B 312 17.47 5.60 7.47
CA GLN B 312 18.88 5.26 7.20
C GLN B 312 19.66 6.40 6.57
N LEU B 313 19.05 7.06 5.59
CA LEU B 313 19.68 8.19 4.93
C LEU B 313 19.77 9.37 5.89
N ARG B 314 18.67 9.63 6.62
CA ARG B 314 18.63 10.71 7.63
C ARG B 314 19.75 10.57 8.66
N ILE B 315 19.88 9.38 9.24
CA ILE B 315 20.93 9.08 10.21
C ILE B 315 22.34 9.28 9.65
N ALA B 316 22.53 8.91 8.37
CA ALA B 316 23.84 8.96 7.72
C ALA B 316 24.24 10.40 7.35
N ALA B 317 23.25 11.28 7.26
CA ALA B 317 23.49 12.71 6.99
C ALA B 317 23.72 13.49 8.28
N GLY B 318 23.79 12.78 9.41
CA GLY B 318 24.05 13.39 10.71
C GLY B 318 22.83 13.89 11.48
N GLN B 319 21.64 13.56 10.99
CA GLN B 319 20.41 13.93 11.70
C GLN B 319 20.11 12.91 12.80
N PRO B 320 19.73 13.41 13.99
CA PRO B 320 19.26 12.51 15.07
C PRO B 320 17.86 11.97 14.76
N LEU B 321 17.43 10.96 15.53
CA LEU B 321 16.13 10.33 15.34
C LEU B 321 15.03 11.38 15.48
N SER B 322 14.22 11.52 14.44
CA SER B 322 13.10 12.46 14.47
C SER B 322 11.97 11.90 15.33
N ILE B 323 11.84 10.58 15.36
CA ILE B 323 10.77 9.92 16.10
C ILE B 323 11.18 9.34 17.46
N LYS B 324 10.44 9.75 18.48
CA LYS B 324 10.60 9.25 19.85
C LYS B 324 9.90 7.91 19.97
N GLN B 325 10.39 7.06 20.85
CA GLN B 325 9.82 5.74 21.11
C GLN B 325 8.30 5.78 21.34
N GLU B 326 7.83 6.88 21.92
CA GLU B 326 6.41 7.05 22.25
C GLU B 326 5.52 7.30 21.03
N GLU B 327 6.16 7.68 19.92
CA GLU B 327 5.46 8.01 18.68
C GLU B 327 5.27 6.79 17.78
N VAL B 328 5.99 5.72 18.10
CA VAL B 328 5.93 4.48 17.35
C VAL B 328 4.85 3.57 17.91
N HIS B 329 3.83 3.31 17.10
CA HIS B 329 2.72 2.44 17.52
C HIS B 329 2.55 1.30 16.52
N VAL B 330 2.56 0.07 17.01
CA VAL B 330 2.23 -1.09 16.18
C VAL B 330 0.75 -0.99 15.85
N ARG B 331 0.44 -1.04 14.56
CA ARG B 331 -0.93 -1.05 14.10
C ARG B 331 -1.11 -2.15 13.06
N GLY B 332 -2.15 -2.95 13.22
CA GLY B 332 -2.44 -4.03 12.28
C GLY B 332 -1.30 -5.04 12.16
N HIS B 333 -1.27 -5.75 11.04
CA HIS B 333 -0.39 -6.89 10.84
C HIS B 333 0.05 -6.96 9.39
N ALA B 334 1.29 -7.37 9.16
CA ALA B 334 1.87 -7.47 7.81
C ALA B 334 2.60 -8.79 7.56
N VAL B 335 2.35 -9.38 6.39
CA VAL B 335 2.99 -10.63 6.01
C VAL B 335 3.80 -10.40 4.73
N GLU B 336 4.97 -11.05 4.63
CA GLU B 336 5.77 -11.01 3.40
C GLU B 336 6.02 -12.39 2.81
N CYS B 337 5.82 -12.50 1.50
CA CYS B 337 6.17 -13.70 0.76
C CYS B 337 7.30 -13.39 -0.22
N ARG B 338 8.46 -14.01 0.00
CA ARG B 338 9.60 -13.91 -0.92
C ARG B 338 9.29 -14.63 -2.19
N ILE B 339 9.55 -13.95 -3.29
CA ILE B 339 9.33 -14.53 -4.61
C ILE B 339 10.69 -14.87 -5.21
N ASN B 340 10.96 -16.16 -5.23
CA ASN B 340 12.19 -16.69 -5.78
C ASN B 340 11.99 -17.37 -7.14
N ALA B 341 12.90 -17.12 -8.07
CA ALA B 341 12.92 -17.83 -9.34
C ALA B 341 13.69 -19.16 -9.18
N GLU B 342 12.98 -20.16 -8.64
CA GLU B 342 13.60 -21.44 -8.31
C GLU B 342 12.75 -22.64 -8.72
N ASP B 343 13.43 -23.74 -9.02
CA ASP B 343 12.85 -25.06 -9.28
C ASP B 343 12.06 -25.57 -8.05
N PRO B 344 10.83 -26.10 -8.28
CA PRO B 344 9.97 -26.59 -7.19
C PRO B 344 10.58 -27.71 -6.32
N ASN B 345 11.39 -28.58 -6.92
CA ASN B 345 11.93 -29.74 -6.22
C ASN B 345 13.36 -29.54 -5.70
N THR B 346 14.22 -29.01 -6.56
CA THR B 346 15.64 -28.84 -6.24
C THR B 346 15.87 -27.62 -5.35
N PHE B 347 14.95 -26.65 -5.43
CA PHE B 347 15.10 -25.32 -4.83
C PHE B 347 16.42 -24.67 -5.27
N LEU B 348 16.67 -24.69 -6.57
CA LEU B 348 17.81 -23.99 -7.15
C LEU B 348 17.32 -23.06 -8.26
N PRO B 349 17.89 -21.84 -8.32
CA PRO B 349 17.64 -20.85 -9.36
C PRO B 349 17.21 -21.40 -10.73
N SER B 350 16.14 -20.79 -11.26
CA SER B 350 15.65 -21.01 -12.62
C SER B 350 15.68 -19.67 -13.37
N PRO B 351 16.82 -19.35 -14.02
CA PRO B 351 16.99 -18.10 -14.75
C PRO B 351 16.21 -18.09 -16.06
N GLY B 352 16.12 -16.93 -16.71
CA GLY B 352 15.49 -16.85 -18.02
C GLY B 352 14.49 -15.74 -18.23
N LYS B 353 13.96 -15.67 -19.44
CA LYS B 353 13.12 -14.58 -19.89
C LYS B 353 11.72 -14.70 -19.31
N ILE B 354 11.21 -13.60 -18.78
CA ILE B 354 9.81 -13.51 -18.35
C ILE B 354 8.96 -13.03 -19.52
N THR B 355 7.96 -13.83 -19.88
CA THR B 355 7.14 -13.59 -21.09
C THR B 355 5.82 -12.89 -20.83
N ARG B 356 5.38 -12.93 -19.58
CA ARG B 356 4.16 -12.27 -19.16
C ARG B 356 4.33 -12.00 -17.68
N PHE B 357 3.99 -10.76 -17.30
CA PHE B 357 4.03 -10.36 -15.91
C PHE B 357 2.87 -9.48 -15.53
N HIS B 358 2.29 -9.77 -14.38
CA HIS B 358 1.25 -8.91 -13.84
C HIS B 358 1.37 -8.88 -12.33
N ALA B 359 1.35 -7.66 -11.80
CA ALA B 359 1.50 -7.39 -10.37
C ALA B 359 0.13 -7.30 -9.69
N PRO B 360 0.01 -7.78 -8.44
CA PRO B 360 -1.22 -7.59 -7.69
C PRO B 360 -1.34 -6.14 -7.25
N GLY B 361 -2.57 -5.63 -7.21
CA GLY B 361 -2.87 -4.31 -6.68
C GLY B 361 -3.87 -4.43 -5.53
N GLY B 362 -4.46 -3.31 -5.12
CA GLY B 362 -5.52 -3.31 -4.12
C GLY B 362 -5.10 -2.71 -2.79
N PHE B 363 -6.07 -2.54 -1.91
CA PHE B 363 -5.81 -2.01 -0.59
C PHE B 363 -4.87 -2.96 0.15
N GLY B 364 -3.85 -2.39 0.78
CA GLY B 364 -2.93 -3.15 1.63
C GLY B 364 -1.91 -4.00 0.90
N VAL B 365 -1.80 -3.81 -0.41
CA VAL B 365 -0.97 -4.66 -1.26
C VAL B 365 0.27 -3.91 -1.76
N ARG B 366 1.43 -4.36 -1.32
CA ARG B 366 2.70 -3.75 -1.69
C ARG B 366 3.61 -4.74 -2.37
N TRP B 367 4.10 -4.36 -3.55
CA TRP B 367 4.92 -5.22 -4.38
C TRP B 367 6.31 -4.60 -4.49
N GLU B 368 7.32 -5.38 -4.06
CA GLU B 368 8.72 -4.98 -4.11
C GLU B 368 9.46 -5.87 -5.10
N SER B 369 9.58 -5.40 -6.32
CA SER B 369 10.34 -6.11 -7.34
C SER B 369 10.75 -5.20 -8.47
N HIS B 370 11.80 -5.64 -9.16
CA HIS B 370 12.43 -4.90 -10.25
C HIS B 370 12.07 -5.52 -11.59
N ILE B 371 11.31 -6.63 -11.55
CA ILE B 371 10.98 -7.39 -12.76
C ILE B 371 9.90 -6.70 -13.63
N TYR B 372 9.87 -7.07 -14.91
CA TYR B 372 8.87 -6.59 -15.88
C TYR B 372 8.77 -7.61 -16.99
N ALA B 373 7.77 -7.48 -17.84
CA ALA B 373 7.64 -8.34 -19.02
C ALA B 373 8.78 -8.05 -20.00
N GLY B 374 9.54 -9.09 -20.33
CA GLY B 374 10.65 -8.96 -21.26
C GLY B 374 11.99 -8.97 -20.57
N TYR B 375 12.00 -8.80 -19.26
CA TYR B 375 13.23 -8.83 -18.47
C TYR B 375 13.71 -10.27 -18.28
N THR B 376 15.02 -10.46 -18.42
CA THR B 376 15.60 -11.77 -18.24
C THR B 376 16.30 -11.85 -16.88
N VAL B 377 15.96 -12.88 -16.13
CA VAL B 377 16.66 -13.15 -14.89
C VAL B 377 18.00 -13.83 -15.24
N PRO B 378 19.11 -13.24 -14.79
CA PRO B 378 20.43 -13.81 -15.07
C PRO B 378 20.62 -15.07 -14.27
N PRO B 379 21.56 -15.94 -14.68
CA PRO B 379 21.89 -17.11 -13.88
C PRO B 379 22.91 -16.93 -12.74
N TYR B 380 23.31 -15.69 -12.46
CA TYR B 380 24.49 -15.45 -11.58
C TYR B 380 24.23 -15.22 -10.10
N TYR B 381 23.05 -14.72 -9.76
CA TYR B 381 22.84 -14.21 -8.42
C TYR B 381 21.81 -15.01 -7.63
N ASP B 382 21.47 -14.55 -6.42
CA ASP B 382 20.45 -15.17 -5.59
C ASP B 382 19.08 -15.23 -6.28
N SER B 383 18.28 -16.20 -5.88
CA SER B 383 17.00 -16.52 -6.52
C SER B 383 15.86 -15.52 -6.22
N MET B 384 16.03 -14.65 -5.22
CA MET B 384 14.94 -13.73 -4.88
C MET B 384 14.76 -12.64 -5.94
N ILE B 385 13.60 -12.61 -6.58
CA ILE B 385 13.33 -11.65 -7.68
C ILE B 385 12.28 -10.63 -7.30
N GLY B 386 11.64 -10.84 -6.15
CA GLY B 386 10.69 -9.89 -5.61
C GLY B 386 10.22 -10.24 -4.21
N LYS B 387 9.44 -9.34 -3.63
CA LYS B 387 8.80 -9.58 -2.34
C LYS B 387 7.36 -9.09 -2.42
N LEU B 388 6.43 -9.90 -1.97
CA LEU B 388 5.03 -9.49 -1.89
C LEU B 388 4.68 -9.25 -0.43
N ILE B 389 4.26 -8.03 -0.13
CA ILE B 389 3.97 -7.65 1.25
C ILE B 389 2.50 -7.26 1.37
N CYS B 390 1.78 -7.91 2.28
CA CYS B 390 0.37 -7.52 2.52
C CYS B 390 0.07 -7.06 3.95
N TYR B 391 -0.58 -5.90 4.04
CA TYR B 391 -0.96 -5.30 5.31
C TYR B 391 -2.47 -5.39 5.55
N GLY B 392 -2.83 -5.79 6.76
CA GLY B 392 -4.24 -5.77 7.22
C GLY B 392 -4.41 -5.22 8.64
N GLU B 393 -5.61 -4.79 8.98
CA GLU B 393 -5.90 -4.26 10.32
C GLU B 393 -5.83 -5.34 11.43
N ASN B 394 -5.74 -6.60 11.01
CA ASN B 394 -5.43 -7.73 11.90
C ASN B 394 -4.71 -8.83 11.10
N ARG B 395 -4.27 -9.89 11.77
CA ARG B 395 -3.50 -10.95 11.10
C ARG B 395 -4.28 -11.67 9.99
N ASP B 396 -5.55 -11.99 10.27
CA ASP B 396 -6.39 -12.77 9.34
C ASP B 396 -6.64 -12.05 8.02
N VAL B 397 -6.76 -10.72 8.09
CA VAL B 397 -6.97 -9.88 6.90
C VAL B 397 -5.70 -9.86 6.04
N ALA B 398 -4.55 -9.66 6.70
CA ALA B 398 -3.27 -9.67 6.01
C ALA B 398 -3.11 -10.94 5.18
N ILE B 399 -3.36 -12.09 5.82
CA ILE B 399 -3.17 -13.40 5.18
C ILE B 399 -4.10 -13.62 3.99
N ALA B 400 -5.38 -13.25 4.15
CA ALA B 400 -6.36 -13.31 3.07
C ALA B 400 -6.06 -12.32 1.95
N ARG B 401 -5.49 -11.17 2.30
CA ARG B 401 -4.99 -10.22 1.31
C ARG B 401 -3.79 -10.79 0.57
N MET B 402 -2.95 -11.52 1.29
CA MET B 402 -1.85 -12.26 0.68
C MET B 402 -2.39 -13.34 -0.24
N LYS B 403 -3.34 -14.13 0.29
CA LYS B 403 -4.01 -15.17 -0.50
C LYS B 403 -4.56 -14.63 -1.80
N ASN B 404 -5.24 -13.48 -1.75
CA ASN B 404 -5.80 -12.87 -2.96
C ASN B 404 -4.71 -12.40 -3.92
N ALA B 405 -3.69 -11.77 -3.36
CA ALA B 405 -2.62 -11.14 -4.16
C ALA B 405 -1.76 -12.16 -4.89
N LEU B 406 -1.46 -13.28 -4.25
CA LEU B 406 -0.74 -14.36 -4.90
C LEU B 406 -1.50 -14.94 -6.10
N GLN B 407 -2.82 -15.01 -6.03
CA GLN B 407 -3.63 -15.42 -7.19
C GLN B 407 -3.54 -14.45 -8.37
N GLU B 408 -3.55 -13.15 -8.08
CA GLU B 408 -3.45 -12.13 -9.14
C GLU B 408 -2.07 -12.09 -9.79
N LEU B 409 -1.06 -12.55 -9.05
CA LEU B 409 0.33 -12.45 -9.47
C LEU B 409 0.66 -13.42 -10.60
N ILE B 410 1.14 -12.86 -11.71
CA ILE B 410 1.51 -13.63 -12.88
C ILE B 410 2.95 -13.32 -13.25
N ILE B 411 3.78 -14.36 -13.22
CA ILE B 411 5.12 -14.35 -13.76
C ILE B 411 5.29 -15.66 -14.55
N ASP B 412 5.05 -15.63 -15.87
CA ASP B 412 5.31 -16.81 -16.73
C ASP B 412 6.67 -16.73 -17.42
N GLY B 413 7.16 -17.87 -17.90
CA GLY B 413 8.41 -17.94 -18.66
C GLY B 413 9.49 -18.64 -17.86
N ILE B 414 9.43 -18.49 -16.55
CA ILE B 414 10.36 -19.07 -15.62
C ILE B 414 9.56 -19.65 -14.50
N LYS B 415 10.19 -20.51 -13.70
CA LYS B 415 9.58 -21.11 -12.54
C LYS B 415 9.78 -20.23 -11.32
N THR B 416 8.76 -20.22 -10.43
CA THR B 416 8.81 -19.48 -9.15
C THR B 416 8.11 -20.23 -8.00
N ASN B 417 8.19 -19.67 -6.80
CA ASN B 417 7.64 -20.31 -5.60
C ASN B 417 6.25 -19.79 -5.15
N VAL B 418 5.58 -19.09 -6.06
CA VAL B 418 4.20 -18.60 -5.85
C VAL B 418 3.29 -19.70 -5.31
N ASP B 419 3.24 -20.82 -6.03
CA ASP B 419 2.43 -21.97 -5.63
C ASP B 419 2.79 -22.49 -4.25
N LEU B 420 4.09 -22.48 -3.92
CA LEU B 420 4.51 -22.85 -2.58
C LEU B 420 3.98 -21.84 -1.56
N GLN B 421 4.03 -20.56 -1.90
CA GLN B 421 3.58 -19.50 -1.00
C GLN B 421 2.09 -19.62 -0.73
N ILE B 422 1.33 -19.90 -1.79
CA ILE B 422 -0.10 -20.20 -1.71
C ILE B 422 -0.37 -21.34 -0.73
N ARG B 423 0.42 -22.42 -0.83
CA ARG B 423 0.31 -23.53 0.12
C ARG B 423 0.62 -23.11 1.55
N ILE B 424 1.69 -22.35 1.74
CA ILE B 424 2.01 -21.79 3.07
C ILE B 424 0.87 -20.92 3.62
N MET B 425 0.27 -20.09 2.79
CA MET B 425 -0.88 -19.26 3.23
C MET B 425 -2.12 -20.10 3.55
N ASN B 426 -2.36 -21.15 2.77
CA ASN B 426 -3.49 -22.05 3.01
C ASN B 426 -3.30 -22.98 4.22
N ASP B 427 -2.12 -22.95 4.83
CA ASP B 427 -1.74 -23.91 5.89
C ASP B 427 -2.36 -23.57 7.24
N GLU B 428 -3.09 -24.52 7.80
CA GLU B 428 -3.89 -24.26 9.01
C GLU B 428 -3.06 -24.06 10.27
N ASN B 429 -1.84 -24.59 10.27
CA ASN B 429 -0.90 -24.32 11.35
C ASN B 429 -0.34 -22.91 11.28
N PHE B 430 -0.03 -22.45 10.06
CA PHE B 430 0.35 -21.05 9.85
C PHE B 430 -0.81 -20.11 10.11
N GLN B 431 -2.03 -20.56 9.80
CA GLN B 431 -3.25 -19.75 9.98
C GLN B 431 -3.55 -19.49 11.45
N HIS B 432 -3.24 -20.47 12.28
CA HIS B 432 -3.32 -20.34 13.74
C HIS B 432 -2.26 -19.35 14.19
N GLY B 433 -1.07 -19.45 13.59
CA GLY B 433 0.08 -18.60 13.91
C GLY B 433 1.09 -19.29 14.81
N GLY B 434 2.33 -18.81 14.78
CA GLY B 434 3.36 -19.20 15.74
C GLY B 434 4.04 -20.55 15.58
N THR B 435 4.15 -21.04 14.34
CA THR B 435 4.89 -22.29 14.10
C THR B 435 6.41 -22.13 14.25
N ASN B 436 7.10 -23.26 14.48
CA ASN B 436 8.54 -23.25 14.79
C ASN B 436 9.44 -23.32 13.56
N ILE B 437 10.71 -22.99 13.74
CA ILE B 437 11.67 -22.85 12.61
C ILE B 437 11.97 -24.15 11.86
N HIS B 438 11.31 -25.23 12.27
CA HIS B 438 11.41 -26.49 11.54
C HIS B 438 10.18 -26.74 10.69
N TYR B 439 9.08 -26.03 11.00
CA TYR B 439 7.76 -26.40 10.46
C TYR B 439 7.70 -26.62 8.95
N LEU B 440 8.23 -25.66 8.17
CA LEU B 440 8.21 -25.75 6.70
C LEU B 440 8.82 -27.04 6.12
N GLU B 441 10.00 -27.41 6.60
CA GLU B 441 10.68 -28.61 6.09
C GLU B 441 9.94 -29.89 6.45
N LYS B 442 9.34 -29.93 7.64
CA LYS B 442 8.50 -31.06 8.04
C LYS B 442 7.24 -31.15 7.18
N LYS B 443 6.67 -29.99 6.83
CA LYS B 443 5.49 -29.95 5.96
C LYS B 443 5.82 -30.41 4.54
N LEU B 444 7.03 -30.09 4.07
CA LEU B 444 7.48 -30.50 2.74
C LEU B 444 8.00 -31.94 2.68
N GLY B 445 8.29 -32.52 3.84
CA GLY B 445 8.59 -33.95 3.94
C GLY B 445 7.31 -34.76 3.80
N LEU B 446 6.35 -34.52 4.69
CA LEU B 446 5.01 -35.13 4.67
C LEU B 446 4.24 -34.66 3.44
#